data_4R3Z
#
_entry.id   4R3Z
#
_cell.length_a   102.645
_cell.length_b   313.253
_cell.length_c   161.759
_cell.angle_alpha   90.00
_cell.angle_beta   90.00
_cell.angle_gamma   90.00
#
_symmetry.space_group_name_H-M   'C 2 2 21'
#
loop_
_entity.id
_entity.type
_entity.pdbx_description
1 polymer 'Aminoacyl tRNA synthase complex-interacting multifunctional protein 1'
2 polymer 'Arginine--tRNA ligase, cytoplasmic'
3 polymer 'Glutamine--tRNA ligase'
#
loop_
_entity_poly.entity_id
_entity_poly.type
_entity_poly.pdbx_seq_one_letter_code
_entity_poly.pdbx_strand_id
1 'polypeptide(L)'
;MANNDAVLKRLEQKGAEADQIIEYLKQQVSLLKEKAILQATLREEKKLRVENAKLKKEIEELKQELIQAEIQNGVKQIPF
PSGTPLHANSMVSENVIQSTAVTTVSSGTKEQIKGGTGDEKKAKEKIEKKGEKKEKKQQSIAGSADSKPIDVSRLDLRIG
CIITARKHPDADSLYVEEVDVGEIAPRTVVSGLVNHVPLEQMQNRMVILLCNLKPAKMRGVLSQAMVMCASSPEKIEILA
PPNGSVPGDRITFDAFPGEPDKELNPKKKIWEQIQPDLHTNDECVATYKGVPFEVKGKGVCRAQTMSNSGIK
;
A
2 'polypeptide(L)'
;MGSSHHHHHHSQDPMMDVLVSECSARLLQQEEEIKSLTAEIDRLKNCGCLGASPNLEQLQEENLKLKYRLNILRKSLQAE
RNKPTKNMINIISRLQEVFGHAIKAAYPDLENPPLLVTPSQQAKFGDYQCNSAMGISQMLKTKEQKVNPREIAENITKHL
PDNECIEKVEIAGPGFINVHLRKDFVSEQLTSLLVNGVQLPALGENKKVIVDFSSPNIAKEMHVGHLRSTIIGESISRLF
EFAGYDVLRLNHVGDWGTQFGMLIAHLQDKFPDYLTVSPPIGDLQVFYKESKKRFDTEEEFKKRAYQCVVLLQGKNPDIT
KAWKLICDVSRQELNKIYDALDVSLIERGESFYQDRMNDIVKEFEDRGFVQVDDGRKIVFVPGCSIPLTIVKSDGGYTYD
TSDLAAIKQRLFEEKADMIIYVVDNGQSVHFQTIFAAAQMIGWYDPKVTRVFHAGFGVVLGEDKKKFKTRSGETVRLMDL
LGEGLKRSMDKLKEKERDKVLTAEELNAAQTSVAYGCIKYADLSHNRLNDYIFSFDKMLDDRGNTAAYLLYAFTRIRSIA
RLANIDEEMLQKAARETKILLDHEKEWKLGRCILRFPEILQKILDDLFLHTLCDYIYELATAFTEFYDSCYCVEKDRQTG
KILKVNMWRMLLCEAVAAVMAKGFDILGIKPVQRM
;
B
3 'polypeptide(L)'
;HGSSHHHHHHSSGLVPRGSHMASMMAALDSLSLFTSLGLSEQKARETLKNSALSAQLREAATQAQQTLGSTIDKATGILL
YGLASRLRDTRRLSFLVSYIASKKIHTEPQLSAALEYVRSHPLDPIDTVDFERECGVGVIVTPEQIEEAVEAAINRHRPQ
LLVERYHFNMGLLMGEARAVLKWADGKMIKNEVDMQVLHLLGPKLEADLEKKFKVAKARLEETDRRTAKDVVENGETADQ
TLSLMEQLRGEALKFHKPGENYKTPGYVVTPHTMNLLKQHLEITGGQVRTRFPPEPNGILHIGHAKAINFNFGYAKANNG
ICFLRFDDTNPEKEEAKFFTAICDMVAWLGYTPYKVTYASDYFDQLYAWAVELIRRGLAYVCHQRGEELKGHNTLPSPWR
DRPMEESLLLFEAMRKGKFSEGEATLRMKLVMEDGKMDPVAYRVKYTPHHRTGDKWCIYPTYDYTHCLCDSIEHITHSLC
TKEFQARRSSYFWLCNALDVYCPVQWEYGRLNLHYAVVSKRKILQLVATGAVRDWDDPRLFTLTALRRRGFPPEAINNFC
ARVGVTVAQTTMEPHLLEACVRDVLNDTAPRAMAVLESLRVIITNFPAAKSLDIQVPNFPADETKGFHQVPFAPIVFIER
TDFKEEPEPGFKRLAWGQPVGLRHTGYVIELQHVVKGPSGCVESLEVTCRRADAGEKPKAFIHWVSQPLMCEVRLYERLF
QHKNPEDPTEVPGGFLSDLNLASLHVVDAALVDCSVALAKPFDKFQFERLGYFSVDPDSHQGKLVFNRTVTLKEDPGKV
;
C
#
# COMPACT_ATOMS: atom_id res chain seq x y z
N ASP A 5 -43.49 10.21 -70.43
CA ASP A 5 -44.18 9.16 -69.69
C ASP A 5 -43.36 7.87 -69.61
N ALA A 6 -42.74 7.50 -70.73
CA ALA A 6 -41.95 6.27 -70.78
C ALA A 6 -40.48 6.52 -70.49
N VAL A 7 -40.19 7.52 -69.68
CA VAL A 7 -38.81 7.82 -69.32
C VAL A 7 -38.67 8.03 -67.83
N LEU A 8 -39.78 7.90 -67.11
CA LEU A 8 -39.74 7.99 -65.65
C LEU A 8 -39.23 6.68 -65.05
N LYS A 9 -39.79 5.57 -65.53
CA LYS A 9 -39.42 4.26 -65.02
C LYS A 9 -38.11 3.76 -65.60
N ARG A 10 -37.53 4.53 -66.52
CA ARG A 10 -36.18 4.24 -67.01
C ARG A 10 -35.17 5.01 -66.18
N LEU A 11 -35.58 6.18 -65.70
CA LEU A 11 -34.74 6.98 -64.83
C LEU A 11 -34.84 6.47 -63.39
N GLU A 12 -35.96 5.82 -63.07
CA GLU A 12 -36.16 5.25 -61.74
C GLU A 12 -35.25 4.03 -61.53
N GLN A 13 -35.17 3.16 -62.54
CA GLN A 13 -34.29 1.99 -62.49
C GLN A 13 -32.83 2.39 -62.72
N LYS A 14 -32.56 3.69 -62.71
CA LYS A 14 -31.21 4.22 -62.70
C LYS A 14 -30.87 4.76 -61.31
N GLY A 15 -31.90 5.33 -60.66
CA GLY A 15 -31.74 5.93 -59.34
C GLY A 15 -32.11 5.01 -58.20
N ALA A 16 -32.60 3.82 -58.55
CA ALA A 16 -32.84 2.76 -57.58
C ALA A 16 -31.70 1.76 -57.65
N GLU A 17 -31.04 1.69 -58.81
CA GLU A 17 -29.80 0.94 -58.93
C GLU A 17 -28.67 1.80 -58.38
N ALA A 18 -28.98 3.05 -58.09
CA ALA A 18 -28.03 3.95 -57.45
C ALA A 18 -27.93 3.63 -55.96
N ASP A 19 -29.08 3.41 -55.33
CA ASP A 19 -29.14 2.95 -53.95
C ASP A 19 -28.37 1.64 -53.81
N GLN A 20 -28.41 0.84 -54.86
CA GLN A 20 -27.68 -0.41 -54.95
C GLN A 20 -26.18 -0.18 -54.82
N ILE A 21 -25.61 0.62 -55.72
CA ILE A 21 -24.18 0.88 -55.72
C ILE A 21 -23.77 1.83 -54.60
N ILE A 22 -24.72 2.63 -54.11
CA ILE A 22 -24.44 3.50 -52.98
C ILE A 22 -24.21 2.67 -51.73
N GLU A 23 -25.16 1.80 -51.41
CA GLU A 23 -25.13 1.12 -50.12
C GLU A 23 -24.23 -0.11 -50.11
N TYR A 24 -23.69 -0.48 -51.28
CA TYR A 24 -22.59 -1.44 -51.27
C TYR A 24 -21.29 -0.73 -51.00
N LEU A 25 -20.99 0.26 -51.83
CA LEU A 25 -19.78 1.06 -51.70
C LEU A 25 -19.73 1.78 -50.34
N LYS A 26 -20.91 2.04 -49.78
CA LYS A 26 -21.01 2.59 -48.43
C LYS A 26 -20.62 1.55 -47.39
N GLN A 27 -20.93 0.28 -47.65
CA GLN A 27 -20.62 -0.77 -46.70
C GLN A 27 -19.16 -1.22 -46.78
N GLN A 28 -18.45 -0.73 -47.77
CA GLN A 28 -17.01 -0.95 -47.82
C GLN A 28 -16.30 0.22 -47.15
N VAL A 29 -16.94 1.38 -47.18
CA VAL A 29 -16.48 2.52 -46.40
C VAL A 29 -16.73 2.28 -44.93
N SER A 30 -17.94 1.80 -44.63
CA SER A 30 -18.38 1.55 -43.25
C SER A 30 -17.73 0.33 -42.61
N LEU A 31 -16.80 -0.32 -43.32
CA LEU A 31 -16.09 -1.45 -42.75
C LEU A 31 -14.59 -1.38 -43.00
N LEU A 32 -14.16 -0.37 -43.72
CA LEU A 32 -12.74 -0.07 -43.85
C LEU A 32 -12.37 0.95 -42.79
N LYS A 33 -13.32 1.82 -42.50
CA LYS A 33 -13.18 2.82 -41.42
C LYS A 33 -13.32 2.17 -40.05
N GLU A 34 -13.58 0.86 -40.03
CA GLU A 34 -13.61 0.10 -38.80
C GLU A 34 -12.23 -0.54 -38.56
N LYS A 35 -11.60 -1.01 -39.63
CA LYS A 35 -10.26 -1.59 -39.52
C LYS A 35 -9.23 -0.52 -39.19
N ALA A 36 -9.44 0.69 -39.69
CA ALA A 36 -8.56 1.82 -39.41
C ALA A 36 -8.50 2.09 -37.91
N ILE A 37 -9.66 2.33 -37.31
CA ILE A 37 -9.74 2.65 -35.89
C ILE A 37 -9.40 1.43 -35.02
N LEU A 38 -9.48 0.25 -35.61
CA LEU A 38 -9.20 -0.97 -34.84
C LEU A 38 -7.71 -1.28 -34.86
N GLN A 39 -7.09 -1.18 -36.03
CA GLN A 39 -5.66 -1.48 -36.14
C GLN A 39 -4.84 -0.50 -35.30
N ALA A 40 -5.33 0.72 -35.17
CA ALA A 40 -4.62 1.75 -34.42
C ALA A 40 -4.81 1.57 -32.92
N THR A 41 -6.07 1.59 -32.49
CA THR A 41 -6.39 1.54 -31.07
C THR A 41 -6.11 0.18 -30.45
N LEU A 42 -5.74 -0.80 -31.26
CA LEU A 42 -5.31 -2.08 -30.72
C LEU A 42 -3.84 -2.01 -30.34
N ARG A 43 -3.01 -1.55 -31.26
CA ARG A 43 -1.56 -1.52 -31.05
C ARG A 43 -1.14 -0.40 -30.11
N GLU A 44 -2.11 0.39 -29.65
CA GLU A 44 -1.86 1.32 -28.56
C GLU A 44 -2.20 0.65 -27.24
N GLU A 45 -3.14 -0.29 -27.28
CA GLU A 45 -3.55 -1.01 -26.07
C GLU A 45 -2.57 -2.11 -25.68
N LYS A 46 -1.65 -2.44 -26.58
CA LYS A 46 -0.53 -3.30 -26.21
C LYS A 46 0.71 -2.43 -26.04
N LYS A 47 0.55 -1.13 -26.27
CA LYS A 47 1.60 -0.17 -25.96
C LYS A 47 1.37 0.43 -24.58
N LEU A 48 0.17 0.20 -24.03
CA LEU A 48 -0.03 0.45 -22.61
C LEU A 48 0.59 -0.70 -21.84
N ARG A 49 0.77 -1.82 -22.51
CA ARG A 49 1.41 -2.99 -21.90
C ARG A 49 2.92 -2.82 -21.80
N VAL A 50 3.48 -1.88 -22.57
CA VAL A 50 4.91 -1.60 -22.51
C VAL A 50 5.17 -0.50 -21.49
N GLU A 51 4.15 0.28 -21.18
CA GLU A 51 4.28 1.30 -20.15
C GLU A 51 3.96 0.67 -18.80
N ASN A 52 2.78 0.06 -18.69
CA ASN A 52 2.32 -0.55 -17.43
C ASN A 52 3.21 -1.62 -16.87
N ALA A 53 3.98 -2.27 -17.73
CA ALA A 53 4.93 -3.26 -17.23
C ALA A 53 6.26 -2.57 -16.90
N LYS A 54 6.64 -1.59 -17.71
CA LYS A 54 7.85 -0.81 -17.44
C LYS A 54 7.66 0.03 -16.19
N LEU A 55 6.39 0.24 -15.83
CA LEU A 55 6.02 0.95 -14.61
C LEU A 55 6.28 0.07 -13.40
N LYS A 56 5.80 -1.18 -13.46
CA LYS A 56 6.02 -2.14 -12.37
C LYS A 56 7.50 -2.47 -12.21
N LYS A 57 8.26 -2.31 -13.29
CA LYS A 57 9.71 -2.51 -13.27
C LYS A 57 10.38 -1.43 -12.44
N GLU A 58 10.02 -0.19 -12.73
CA GLU A 58 10.56 0.95 -12.01
C GLU A 58 9.73 1.23 -10.74
N ILE A 59 8.83 0.30 -10.42
CA ILE A 59 8.10 0.29 -9.16
C ILE A 59 8.75 -0.66 -8.18
N GLU A 60 9.03 -1.87 -8.65
CA GLU A 60 9.64 -2.90 -7.82
C GLU A 60 11.09 -2.57 -7.48
N GLU A 61 11.75 -1.83 -8.35
CA GLU A 61 13.11 -1.38 -8.07
C GLU A 61 13.07 -0.35 -6.95
N LEU A 62 11.94 0.32 -6.82
CA LEU A 62 11.82 1.43 -5.87
C LEU A 62 11.30 0.98 -4.50
N LYS A 63 10.51 -0.08 -4.45
CA LYS A 63 10.04 -0.62 -3.16
C LYS A 63 11.21 -1.27 -2.42
N GLN A 64 12.17 -1.79 -3.19
CA GLN A 64 13.38 -2.38 -2.64
C GLN A 64 14.49 -1.36 -2.48
N GLU A 65 14.18 -0.09 -2.78
CA GLU A 65 15.11 1.00 -2.49
C GLU A 65 14.68 1.65 -1.18
N LEU A 66 13.37 1.62 -0.94
CA LEU A 66 12.83 2.08 0.32
C LEU A 66 13.12 1.07 1.41
N ILE A 67 12.84 -0.19 1.12
CA ILE A 67 12.97 -1.24 2.13
C ILE A 67 14.44 -1.51 2.47
N GLN A 68 15.36 -0.95 1.69
CA GLN A 68 16.77 -0.99 2.05
C GLN A 68 17.14 0.26 2.84
N ALA A 69 16.22 1.23 2.82
CA ALA A 69 16.39 2.49 3.54
C ALA A 69 15.47 2.60 4.76
N GLU A 70 14.52 1.67 4.86
CA GLU A 70 13.62 1.64 6.01
C GLU A 70 14.02 0.51 6.95
N ILE A 71 15.11 -0.16 6.59
CA ILE A 71 15.81 -1.05 7.51
C ILE A 71 17.00 -0.31 8.09
N GLN A 72 17.44 0.72 7.35
CA GLN A 72 18.58 1.54 7.74
C GLN A 72 18.43 2.05 9.17
N ASN A 73 17.18 2.19 9.59
CA ASN A 73 16.85 2.60 10.94
C ASN A 73 15.56 1.94 11.44
N GLY A 74 14.90 1.16 10.59
CA GLY A 74 13.62 0.58 10.93
C GLY A 74 13.61 -0.94 10.95
N VAL A 75 12.43 -1.52 11.09
CA VAL A 75 12.27 -2.97 11.14
C VAL A 75 11.68 -3.50 9.82
N LYS A 76 12.03 -4.73 9.47
CA LYS A 76 11.53 -5.38 8.27
C LYS A 76 10.97 -6.76 8.63
N GLN A 77 9.90 -7.18 7.96
CA GLN A 77 9.35 -8.52 8.23
C GLN A 77 9.00 -9.33 6.97
N ILE A 78 8.54 -10.56 7.18
CA ILE A 78 8.56 -11.58 6.15
C ILE A 78 7.18 -12.13 5.77
N PRO A 79 7.06 -12.72 4.56
CA PRO A 79 7.99 -12.56 3.43
C PRO A 79 7.73 -11.34 2.51
N PHE A 80 6.53 -11.05 1.97
CA PHE A 80 5.31 -11.86 2.04
C PHE A 80 4.59 -11.77 0.70
N ASP B 17 -57.04 3.95 -38.75
CA ASP B 17 -57.40 4.26 -37.37
C ASP B 17 -56.51 3.52 -36.37
N VAL B 18 -56.01 2.35 -36.78
CA VAL B 18 -55.38 1.41 -35.85
C VAL B 18 -53.96 0.93 -36.20
N LEU B 19 -53.55 1.03 -37.46
CA LEU B 19 -52.18 0.63 -37.84
C LEU B 19 -51.17 1.58 -37.20
N VAL B 20 -51.66 2.74 -36.76
CA VAL B 20 -50.87 3.66 -35.97
C VAL B 20 -51.04 3.30 -34.50
N SER B 21 -52.13 2.60 -34.18
CA SER B 21 -52.44 2.23 -32.81
C SER B 21 -51.88 0.89 -32.39
N GLU B 22 -51.68 -0.02 -33.34
CA GLU B 22 -51.17 -1.34 -32.99
C GLU B 22 -49.68 -1.48 -33.33
N CYS B 23 -49.16 -0.60 -34.19
CA CYS B 23 -47.72 -0.59 -34.47
C CYS B 23 -46.98 -0.27 -33.19
N SER B 24 -47.56 0.61 -32.39
CA SER B 24 -47.02 0.94 -31.07
C SER B 24 -47.11 -0.29 -30.17
N ALA B 25 -48.08 -1.16 -30.42
CA ALA B 25 -48.24 -2.38 -29.64
C ALA B 25 -47.19 -3.42 -30.02
N ARG B 26 -46.75 -3.36 -31.28
CA ARG B 26 -45.62 -4.17 -31.74
C ARG B 26 -44.31 -3.42 -31.51
N LEU B 27 -44.44 -2.16 -31.08
CA LEU B 27 -43.28 -1.38 -30.68
C LEU B 27 -43.19 -1.36 -29.15
N LEU B 28 -44.29 -1.62 -28.46
CA LEU B 28 -44.28 -1.72 -27.00
C LEU B 28 -43.71 -3.07 -26.57
N GLN B 29 -43.94 -4.10 -27.38
CA GLN B 29 -43.45 -5.44 -27.05
C GLN B 29 -42.06 -5.71 -27.62
N GLN B 30 -41.70 -5.02 -28.69
CA GLN B 30 -40.36 -5.16 -29.26
C GLN B 30 -39.32 -4.63 -28.28
N GLU B 31 -39.74 -3.68 -27.44
CA GLU B 31 -38.86 -3.09 -26.43
C GLU B 31 -38.29 -4.17 -25.49
N GLU B 32 -39.13 -5.12 -25.09
CA GLU B 32 -38.67 -6.17 -24.18
C GLU B 32 -37.70 -7.12 -24.90
N GLU B 33 -37.93 -7.32 -26.19
CA GLU B 33 -37.04 -8.15 -27.00
C GLU B 33 -35.67 -7.51 -27.11
N ILE B 34 -35.61 -6.20 -26.93
CA ILE B 34 -34.34 -5.49 -26.88
C ILE B 34 -33.88 -5.37 -25.42
N LYS B 35 -34.82 -5.11 -24.51
CA LYS B 35 -34.52 -4.94 -23.08
C LYS B 35 -33.96 -6.21 -22.45
N SER B 36 -34.56 -7.35 -22.77
CA SER B 36 -34.13 -8.61 -22.19
C SER B 36 -32.97 -9.23 -22.99
N LEU B 37 -32.77 -8.79 -24.22
CA LEU B 37 -31.62 -9.24 -25.00
C LEU B 37 -30.37 -8.65 -24.39
N THR B 38 -30.45 -7.38 -24.02
CA THR B 38 -29.35 -6.68 -23.36
C THR B 38 -29.20 -7.15 -21.92
N ALA B 39 -30.22 -7.82 -21.39
CA ALA B 39 -30.21 -8.28 -20.01
C ALA B 39 -29.42 -9.58 -19.80
N GLU B 40 -29.66 -10.58 -20.65
CA GLU B 40 -28.98 -11.86 -20.50
C GLU B 40 -27.61 -11.85 -21.17
N ILE B 41 -27.29 -10.76 -21.86
CA ILE B 41 -25.97 -10.60 -22.45
C ILE B 41 -25.00 -10.15 -21.36
N ASP B 42 -25.55 -9.58 -20.30
CA ASP B 42 -24.74 -9.14 -19.15
C ASP B 42 -24.16 -10.31 -18.35
N ARG B 43 -24.72 -11.50 -18.53
CA ARG B 43 -24.31 -12.63 -17.71
C ARG B 43 -23.41 -13.67 -18.41
N LEU B 44 -23.92 -14.33 -19.45
CA LEU B 44 -23.17 -15.43 -20.06
C LEU B 44 -22.09 -14.97 -21.04
N LYS B 45 -21.89 -13.67 -21.17
CA LYS B 45 -20.93 -13.15 -22.15
C LYS B 45 -19.55 -12.89 -21.55
N ASN B 46 -19.51 -12.66 -20.23
CA ASN B 46 -18.27 -12.26 -19.57
C ASN B 46 -17.37 -13.40 -19.12
N CYS B 47 -16.14 -13.39 -19.62
CA CYS B 47 -15.05 -14.28 -19.21
C CYS B 47 -15.44 -15.73 -18.93
N GLY B 48 -15.29 -16.57 -19.95
CA GLY B 48 -15.51 -17.99 -19.81
C GLY B 48 -14.26 -18.80 -20.11
N CYS B 49 -13.13 -18.12 -20.25
CA CYS B 49 -11.86 -18.78 -20.54
C CYS B 49 -10.66 -18.14 -19.81
N LEU B 50 -9.45 -18.55 -20.20
CA LEU B 50 -8.22 -18.31 -19.42
C LEU B 50 -7.90 -16.84 -19.05
N GLY B 51 -8.18 -15.90 -19.95
CA GLY B 51 -7.81 -14.51 -19.72
C GLY B 51 -8.94 -13.62 -19.21
N ALA B 52 -8.58 -12.43 -18.73
CA ALA B 52 -9.56 -11.49 -18.18
C ALA B 52 -9.03 -10.06 -18.06
N SER B 53 -9.49 -9.18 -18.93
CA SER B 53 -9.12 -7.77 -18.89
C SER B 53 -9.94 -6.90 -19.85
N PRO B 54 -10.49 -5.79 -19.35
CA PRO B 54 -11.01 -4.74 -20.22
C PRO B 54 -9.89 -3.79 -20.61
N ASN B 55 -9.56 -3.70 -21.89
CA ASN B 55 -8.40 -2.89 -22.29
C ASN B 55 -8.72 -1.41 -22.37
N LEU B 56 -9.92 -1.05 -22.84
CA LEU B 56 -10.24 0.36 -23.05
C LEU B 56 -10.25 1.10 -21.72
N GLU B 57 -10.96 0.54 -20.75
CA GLU B 57 -11.12 1.18 -19.47
C GLU B 57 -9.95 0.84 -18.55
N GLN B 58 -9.87 -0.43 -18.18
CA GLN B 58 -8.98 -0.87 -17.11
C GLN B 58 -7.50 -0.59 -17.39
N LEU B 59 -7.03 -0.87 -18.61
CA LEU B 59 -5.62 -0.69 -18.92
C LEU B 59 -5.22 0.78 -18.98
N GLN B 60 -6.22 1.65 -19.08
CA GLN B 60 -5.99 3.08 -18.97
C GLN B 60 -6.11 3.50 -17.50
N GLU B 61 -6.65 2.59 -16.68
CA GLU B 61 -6.84 2.83 -15.26
C GLU B 61 -5.66 2.32 -14.44
N GLU B 62 -5.16 1.13 -14.77
CA GLU B 62 -4.00 0.60 -14.08
C GLU B 62 -2.79 1.47 -14.40
N ASN B 63 -2.88 2.24 -15.49
CA ASN B 63 -1.80 3.14 -15.85
C ASN B 63 -1.71 4.35 -14.92
N LEU B 64 -2.81 4.69 -14.27
CA LEU B 64 -2.84 5.83 -13.36
C LEU B 64 -2.82 5.36 -11.91
N LYS B 65 -3.59 4.32 -11.63
CA LYS B 65 -3.68 3.79 -10.27
C LYS B 65 -2.33 3.26 -9.81
N LEU B 66 -1.47 2.92 -10.77
CA LEU B 66 -0.12 2.46 -10.45
C LEU B 66 0.93 3.54 -10.73
N LYS B 67 0.59 4.54 -11.54
CA LYS B 67 1.49 5.69 -11.69
C LYS B 67 1.34 6.58 -10.46
N TYR B 68 0.25 6.34 -9.72
CA TYR B 68 0.02 6.99 -8.43
C TYR B 68 0.83 6.25 -7.37
N ARG B 69 1.28 5.04 -7.70
CA ARG B 69 2.06 4.26 -6.76
C ARG B 69 3.50 4.75 -6.66
N LEU B 70 4.10 5.09 -7.79
CA LEU B 70 5.47 5.61 -7.79
C LEU B 70 5.59 6.90 -6.96
N ASN B 71 4.50 7.65 -6.89
CA ASN B 71 4.47 8.91 -6.14
C ASN B 71 4.27 8.67 -4.66
N ILE B 72 3.26 7.88 -4.30
CA ILE B 72 3.03 7.55 -2.89
C ILE B 72 4.21 6.74 -2.31
N LEU B 73 4.95 6.05 -3.17
CA LEU B 73 6.14 5.33 -2.73
C LEU B 73 7.31 6.27 -2.53
N ARG B 74 7.56 7.11 -3.53
CA ARG B 74 8.67 8.07 -3.45
C ARG B 74 8.49 9.04 -2.28
N LYS B 75 7.25 9.31 -1.92
CA LYS B 75 6.96 10.20 -0.79
C LYS B 75 7.23 9.49 0.52
N SER B 76 7.17 8.17 0.51
CA SER B 76 7.44 7.40 1.71
C SER B 76 8.92 7.03 1.82
N LEU B 77 9.61 7.05 0.68
CA LEU B 77 11.07 6.92 0.66
C LEU B 77 11.70 8.19 1.21
N GLN B 78 11.02 9.32 0.99
CA GLN B 78 11.53 10.61 1.45
C GLN B 78 11.22 10.82 2.92
N ALA B 79 10.35 9.98 3.48
CA ALA B 79 9.98 10.09 4.88
C ALA B 79 10.96 9.36 5.77
N GLU B 80 11.24 8.11 5.43
CA GLU B 80 12.10 7.27 6.25
C GLU B 80 13.59 7.52 5.99
N ARG B 81 13.91 8.21 4.90
CA ARG B 81 15.28 8.59 4.64
C ARG B 81 15.57 9.91 5.33
N ASN B 82 14.52 10.71 5.52
CA ASN B 82 14.60 11.97 6.22
C ASN B 82 14.82 11.77 7.72
N LYS B 83 14.15 10.77 8.29
CA LYS B 83 14.22 10.49 9.73
C LYS B 83 15.26 9.41 10.05
N PRO B 84 16.41 9.83 10.61
CA PRO B 84 17.58 9.00 10.87
C PRO B 84 17.77 8.73 12.37
N THR B 85 18.66 7.83 12.82
CA THR B 85 19.35 6.79 12.05
C THR B 85 19.80 5.70 13.02
N LYS B 86 20.51 6.11 14.08
CA LYS B 86 20.99 5.24 15.15
C LYS B 86 22.00 4.18 14.70
N ASN B 87 22.65 4.42 13.56
CA ASN B 87 23.64 3.50 12.99
C ASN B 87 24.70 4.19 12.13
N MET B 88 25.46 3.38 11.40
CA MET B 88 26.38 3.89 10.38
C MET B 88 25.73 3.68 9.01
N ILE B 89 26.43 4.06 7.94
CA ILE B 89 25.89 3.88 6.59
C ILE B 89 26.92 3.37 5.59
N ASN B 90 26.58 2.27 4.91
CA ASN B 90 27.36 1.78 3.78
C ASN B 90 27.41 2.86 2.71
N ILE B 91 28.43 3.71 2.80
CA ILE B 91 28.52 4.93 2.00
C ILE B 91 28.39 4.68 0.50
N ILE B 92 29.01 3.61 0.03
CA ILE B 92 29.01 3.26 -1.38
C ILE B 92 27.64 2.72 -1.84
N SER B 93 26.89 2.11 -0.93
CA SER B 93 25.56 1.63 -1.27
C SER B 93 24.61 2.80 -1.50
N ARG B 94 24.72 3.85 -0.70
CA ARG B 94 23.81 5.00 -0.80
C ARG B 94 24.25 6.00 -1.87
N LEU B 95 25.32 5.66 -2.61
CA LEU B 95 25.76 6.49 -3.71
C LEU B 95 25.24 5.89 -5.00
N GLN B 96 25.16 4.57 -5.02
CA GLN B 96 24.55 3.84 -6.12
C GLN B 96 23.04 4.00 -6.06
N GLU B 97 22.56 4.69 -5.02
CA GLU B 97 21.14 5.00 -4.88
C GLU B 97 20.86 6.46 -5.23
N VAL B 98 21.90 7.26 -5.41
CA VAL B 98 21.72 8.63 -5.88
C VAL B 98 22.19 8.73 -7.33
N PHE B 99 22.93 7.72 -7.78
CA PHE B 99 23.23 7.60 -9.19
C PHE B 99 22.16 6.74 -9.85
N GLY B 100 21.58 5.85 -9.06
CA GLY B 100 20.43 5.07 -9.49
C GLY B 100 19.29 6.01 -9.82
N HIS B 101 19.18 7.10 -9.06
CA HIS B 101 18.25 8.17 -9.38
C HIS B 101 18.72 8.93 -10.61
N ALA B 102 19.96 9.40 -10.56
CA ALA B 102 20.50 10.34 -11.54
C ALA B 102 20.57 9.80 -12.96
N ILE B 103 21.15 8.61 -13.11
CA ILE B 103 21.54 8.12 -14.41
C ILE B 103 20.37 7.61 -15.26
N LYS B 104 19.49 6.81 -14.66
CA LYS B 104 18.36 6.27 -15.41
C LYS B 104 17.29 7.33 -15.64
N ALA B 105 17.38 8.43 -14.90
CA ALA B 105 16.52 9.57 -15.17
C ALA B 105 17.09 10.37 -16.34
N ALA B 106 18.41 10.43 -16.40
CA ALA B 106 19.09 11.11 -17.50
C ALA B 106 18.87 10.33 -18.80
N TYR B 107 18.71 9.02 -18.69
CA TYR B 107 18.49 8.17 -19.84
C TYR B 107 17.45 7.10 -19.53
N PRO B 108 16.19 7.41 -19.84
CA PRO B 108 15.00 6.65 -19.46
C PRO B 108 14.79 5.38 -20.27
N ASP B 109 15.60 5.17 -21.30
CA ASP B 109 15.44 3.98 -22.15
C ASP B 109 16.64 3.05 -22.04
N LEU B 110 17.24 3.01 -20.85
CA LEU B 110 18.30 2.06 -20.56
C LEU B 110 17.91 1.23 -19.35
N GLU B 111 18.25 -0.05 -19.40
CA GLU B 111 18.01 -0.96 -18.30
C GLU B 111 19.33 -1.51 -17.77
N ASN B 112 19.66 -1.14 -16.53
CA ASN B 112 20.88 -1.61 -15.87
C ASN B 112 22.18 -1.35 -16.63
N PRO B 113 22.70 -0.12 -16.53
CA PRO B 113 24.07 0.19 -16.91
C PRO B 113 25.01 0.09 -15.70
N PRO B 114 26.32 -0.12 -15.91
CA PRO B 114 27.24 -0.30 -14.78
C PRO B 114 27.22 0.85 -13.77
N LEU B 115 27.48 0.52 -12.51
CA LEU B 115 27.54 1.51 -11.44
C LEU B 115 28.85 1.41 -10.66
N LEU B 116 29.95 1.58 -11.37
CA LEU B 116 31.27 1.45 -10.76
C LEU B 116 31.55 2.55 -9.74
N VAL B 117 30.92 2.45 -8.58
CA VAL B 117 31.15 3.43 -7.51
C VAL B 117 32.25 2.96 -6.55
N THR B 118 33.49 3.31 -6.85
CA THR B 118 34.64 2.88 -6.04
C THR B 118 35.27 4.04 -5.24
N PRO B 119 36.18 3.72 -4.30
CA PRO B 119 36.89 4.84 -3.68
C PRO B 119 37.98 5.39 -4.60
N SER B 120 39.23 5.06 -4.30
CA SER B 120 40.38 5.46 -5.13
C SER B 120 40.52 7.00 -5.25
N GLN B 121 41.29 7.64 -4.36
CA GLN B 121 41.96 7.03 -3.21
C GLN B 121 42.52 8.12 -2.31
N GLN B 122 43.35 8.96 -2.93
CA GLN B 122 44.30 9.83 -2.25
C GLN B 122 43.85 11.28 -2.32
N ALA B 123 42.55 11.48 -2.50
CA ALA B 123 41.95 12.79 -2.71
C ALA B 123 42.46 13.45 -4.00
N LYS B 124 43.21 12.70 -4.80
CA LYS B 124 43.67 13.19 -6.11
C LYS B 124 42.50 13.17 -7.08
N PHE B 125 41.94 11.98 -7.25
CA PHE B 125 40.70 11.81 -8.00
C PHE B 125 39.51 12.07 -7.07
N GLY B 126 39.71 12.93 -6.08
CA GLY B 126 38.74 13.10 -5.01
C GLY B 126 38.75 11.88 -4.12
N ASP B 127 37.73 11.74 -3.28
CA ASP B 127 37.66 10.61 -2.37
C ASP B 127 37.11 9.37 -3.07
N TYR B 128 36.01 9.58 -3.81
CA TYR B 128 35.33 8.52 -4.55
C TYR B 128 35.27 8.90 -6.03
N GLN B 129 35.11 7.92 -6.92
CA GLN B 129 34.97 8.17 -8.36
C GLN B 129 34.12 7.10 -9.06
N CYS B 130 33.29 7.51 -10.02
CA CYS B 130 32.42 6.56 -10.73
C CYS B 130 32.69 6.47 -12.23
N ASN B 131 33.29 5.35 -12.64
CA ASN B 131 33.54 5.09 -14.05
C ASN B 131 32.36 4.34 -14.66
N SER B 132 31.26 5.05 -14.87
CA SER B 132 30.05 4.47 -15.44
C SER B 132 29.71 5.06 -16.80
N ALA B 133 30.16 6.29 -17.04
CA ALA B 133 29.88 6.98 -18.29
C ALA B 133 30.47 6.22 -19.47
N MET B 134 31.56 5.50 -19.23
CA MET B 134 32.11 4.60 -20.24
C MET B 134 31.05 3.56 -20.56
N GLY B 135 30.55 2.89 -19.53
CA GLY B 135 29.50 1.89 -19.69
C GLY B 135 28.16 2.42 -20.16
N ILE B 136 28.16 3.65 -20.69
CA ILE B 136 27.00 4.19 -21.41
C ILE B 136 27.44 4.52 -22.83
N SER B 137 28.71 4.87 -22.97
CA SER B 137 29.32 5.06 -24.27
C SER B 137 29.77 3.71 -24.82
N GLN B 138 30.28 2.85 -23.94
CA GLN B 138 30.66 1.48 -24.30
C GLN B 138 29.40 0.72 -24.71
N MET B 139 28.28 1.04 -24.06
CA MET B 139 26.98 0.54 -24.48
C MET B 139 26.69 1.08 -25.88
N LEU B 140 27.54 0.67 -26.82
CA LEU B 140 27.64 1.30 -28.12
C LEU B 140 27.05 0.44 -29.23
N LYS B 141 25.73 0.35 -29.26
CA LYS B 141 25.07 -0.23 -30.41
C LYS B 141 24.31 0.88 -31.14
N THR B 142 23.15 0.54 -31.68
CA THR B 142 22.40 1.44 -32.57
C THR B 142 23.30 1.89 -33.73
N LYS B 143 24.06 0.92 -34.26
CA LYS B 143 24.93 1.06 -35.43
C LYS B 143 26.17 1.92 -35.23
N GLU B 144 27.00 1.52 -34.26
CA GLU B 144 28.34 2.09 -34.04
C GLU B 144 28.46 3.59 -34.25
N GLN B 145 27.80 4.36 -33.38
CA GLN B 145 27.89 5.82 -33.42
C GLN B 145 28.72 6.37 -32.27
N LYS B 146 29.65 7.27 -32.58
CA LYS B 146 30.55 7.82 -31.57
C LYS B 146 29.78 8.65 -30.55
N VAL B 147 29.85 8.24 -29.29
CA VAL B 147 29.28 9.01 -28.20
C VAL B 147 30.36 9.21 -27.14
N ASN B 148 30.95 10.40 -27.11
CA ASN B 148 32.02 10.68 -26.16
C ASN B 148 31.52 10.65 -24.73
N PRO B 149 32.22 9.89 -23.89
CA PRO B 149 31.85 9.69 -22.48
C PRO B 149 31.83 11.00 -21.69
N ARG B 150 32.53 12.02 -22.18
CA ARG B 150 32.56 13.31 -21.48
C ARG B 150 31.22 14.03 -21.53
N GLU B 151 30.60 14.07 -22.71
CA GLU B 151 29.27 14.67 -22.83
C GLU B 151 28.24 13.74 -22.20
N ILE B 152 28.59 12.46 -22.09
CA ILE B 152 27.74 11.47 -21.42
C ILE B 152 27.74 11.70 -19.91
N ALA B 153 28.92 11.95 -19.36
CA ALA B 153 29.07 12.14 -17.92
C ALA B 153 28.46 13.44 -17.40
N GLU B 154 28.70 14.54 -18.12
CA GLU B 154 28.21 15.83 -17.66
C GLU B 154 26.71 15.96 -17.90
N ASN B 155 26.16 15.04 -18.69
CA ASN B 155 24.71 14.98 -18.86
C ASN B 155 24.09 14.27 -17.66
N ILE B 156 24.95 13.81 -16.76
CA ILE B 156 24.53 13.17 -15.53
C ILE B 156 24.81 14.09 -14.34
N THR B 157 25.68 15.07 -14.56
CA THR B 157 26.04 16.02 -13.51
C THR B 157 25.02 17.16 -13.43
N LYS B 158 24.23 17.32 -14.48
CA LYS B 158 23.17 18.31 -14.47
C LYS B 158 21.86 17.60 -14.15
N HIS B 159 21.89 16.28 -14.27
CA HIS B 159 20.76 15.44 -13.88
C HIS B 159 21.14 14.49 -12.73
N LEU B 160 21.80 15.04 -11.72
CA LEU B 160 21.94 14.36 -10.43
C LEU B 160 21.13 15.12 -9.38
N PRO B 161 20.37 14.38 -8.54
CA PRO B 161 19.41 14.97 -7.60
C PRO B 161 20.07 15.68 -6.41
N ASP B 162 19.28 15.91 -5.36
CA ASP B 162 19.79 16.53 -4.14
C ASP B 162 19.99 15.48 -3.07
N ASN B 163 21.00 15.67 -2.25
CA ASN B 163 21.39 14.65 -1.29
C ASN B 163 21.86 15.24 0.04
N GLU B 164 22.32 14.35 0.91
CA GLU B 164 22.75 14.73 2.25
C GLU B 164 24.26 14.58 2.42
N CYS B 165 25.01 14.64 1.32
CA CYS B 165 26.43 14.29 1.37
C CYS B 165 27.36 15.04 0.41
N ILE B 166 26.89 15.29 -0.81
CA ILE B 166 27.77 15.78 -1.88
C ILE B 166 27.98 17.28 -1.88
N GLU B 167 29.24 17.70 -1.96
CA GLU B 167 29.57 19.12 -2.07
C GLU B 167 29.86 19.51 -3.52
N LYS B 168 30.88 18.89 -4.11
CA LYS B 168 31.26 19.23 -5.49
C LYS B 168 31.38 17.98 -6.38
N VAL B 169 31.07 18.15 -7.66
CA VAL B 169 31.15 17.07 -8.64
C VAL B 169 32.08 17.44 -9.80
N GLU B 170 32.90 16.49 -10.25
CA GLU B 170 33.95 16.79 -11.23
C GLU B 170 34.11 15.77 -12.36
N ILE B 171 34.72 16.21 -13.46
CA ILE B 171 35.09 15.35 -14.58
C ILE B 171 36.57 15.56 -14.90
N ALA B 172 37.30 14.48 -15.15
CA ALA B 172 38.73 14.60 -15.35
C ALA B 172 39.35 13.51 -16.23
N GLY B 173 38.53 12.57 -16.68
CA GLY B 173 39.05 11.46 -17.46
C GLY B 173 38.40 11.35 -18.83
N PRO B 174 38.53 10.17 -19.46
CA PRO B 174 37.80 9.91 -20.71
C PRO B 174 36.31 10.04 -20.45
N GLY B 175 35.91 9.67 -19.24
CA GLY B 175 34.53 9.80 -18.78
C GLY B 175 34.49 9.60 -17.28
N PHE B 176 35.66 9.69 -16.66
CA PHE B 176 35.79 9.53 -15.22
C PHE B 176 34.97 10.59 -14.47
N ILE B 177 34.23 10.15 -13.45
CA ILE B 177 33.41 11.04 -12.64
C ILE B 177 33.95 11.11 -11.22
N ASN B 178 34.86 12.05 -10.98
CA ASN B 178 35.48 12.20 -9.67
C ASN B 178 34.58 13.00 -8.74
N VAL B 179 34.43 12.53 -7.50
CA VAL B 179 33.48 13.14 -6.58
C VAL B 179 34.15 13.64 -5.30
N HIS B 180 33.64 14.75 -4.77
CA HIS B 180 34.13 15.31 -3.51
C HIS B 180 33.01 15.31 -2.47
N LEU B 181 33.39 15.30 -1.20
CA LEU B 181 32.40 15.19 -0.12
C LEU B 181 32.25 16.46 0.71
N ARG B 182 31.02 16.69 1.18
CA ARG B 182 30.72 17.83 2.03
C ARG B 182 31.12 17.53 3.46
N LYS B 183 31.99 18.38 4.01
CA LYS B 183 32.45 18.27 5.40
C LYS B 183 31.31 18.04 6.39
N ASP B 184 30.18 18.69 6.15
CA ASP B 184 29.04 18.66 7.07
C ASP B 184 28.59 17.24 7.36
N PHE B 185 28.52 16.43 6.31
CA PHE B 185 28.01 15.08 6.42
C PHE B 185 29.06 14.08 6.95
N VAL B 186 30.32 14.27 6.58
CA VAL B 186 31.38 13.34 6.95
C VAL B 186 31.51 13.20 8.47
N SER B 187 31.37 14.31 9.19
CA SER B 187 31.56 14.34 10.63
C SER B 187 30.30 13.96 11.40
N GLU B 188 29.16 13.99 10.71
CA GLU B 188 27.87 13.71 11.34
C GLU B 188 27.76 12.27 11.81
N GLN B 189 28.45 11.35 11.13
CA GLN B 189 28.43 9.94 11.50
C GLN B 189 29.59 9.56 12.41
N LEU B 190 30.63 10.40 12.42
CA LEU B 190 31.76 10.19 13.32
C LEU B 190 31.27 10.34 14.76
N THR B 191 30.30 11.22 14.96
CA THR B 191 29.63 11.36 16.24
C THR B 191 28.65 10.21 16.44
N SER B 192 28.04 9.78 15.34
CA SER B 192 27.04 8.72 15.38
C SER B 192 27.65 7.42 15.90
N LEU B 193 28.85 7.08 15.43
CA LEU B 193 29.49 5.84 15.86
C LEU B 193 30.11 5.99 17.26
N LEU B 194 29.99 7.19 17.82
CA LEU B 194 30.57 7.51 19.13
C LEU B 194 29.56 7.44 20.28
N VAL B 195 28.47 8.19 20.20
CA VAL B 195 27.47 8.18 21.26
C VAL B 195 26.70 6.84 21.27
N ASN B 196 25.94 6.57 20.22
CA ASN B 196 25.39 5.24 20.03
C ASN B 196 26.47 4.37 19.39
N GLY B 197 26.61 3.13 19.87
CA GLY B 197 27.74 2.29 19.53
C GLY B 197 28.06 2.16 18.06
N VAL B 198 29.32 1.81 17.75
CA VAL B 198 29.70 1.53 16.38
C VAL B 198 29.07 0.20 15.96
N GLN B 199 27.88 0.30 15.39
CA GLN B 199 27.07 -0.86 15.06
C GLN B 199 26.53 -0.77 13.65
N LEU B 200 26.28 -1.91 13.05
CA LEU B 200 25.73 -1.94 11.70
C LEU B 200 24.27 -2.40 11.74
N PRO B 201 23.41 -1.70 11.00
CA PRO B 201 21.95 -1.84 11.04
C PRO B 201 21.45 -3.21 10.59
N ALA B 202 20.68 -3.85 11.47
CA ALA B 202 20.08 -5.18 11.32
C ALA B 202 20.02 -5.78 9.90
N LEU B 203 21.18 -5.82 9.22
CA LEU B 203 21.25 -6.24 7.83
C LEU B 203 20.79 -7.69 7.64
N GLY B 204 19.89 -7.90 6.69
CA GLY B 204 19.36 -9.23 6.43
C GLY B 204 18.67 -9.80 7.65
N GLU B 205 17.46 -9.28 7.90
CA GLU B 205 16.67 -9.67 9.06
C GLU B 205 16.31 -11.16 9.06
N ASN B 206 16.52 -11.81 10.19
CA ASN B 206 16.06 -13.18 10.43
C ASN B 206 16.38 -14.18 9.31
N LYS B 207 17.51 -13.98 8.65
CA LYS B 207 18.01 -14.98 7.73
C LYS B 207 18.84 -15.98 8.55
N LYS B 208 18.91 -17.22 8.11
CA LYS B 208 19.66 -18.23 8.86
C LYS B 208 20.89 -18.68 8.07
N VAL B 209 22.07 -18.36 8.60
CA VAL B 209 23.31 -18.72 7.95
C VAL B 209 24.12 -19.64 8.85
N ILE B 210 24.27 -20.89 8.41
CA ILE B 210 25.06 -21.89 9.13
C ILE B 210 26.45 -22.00 8.51
N VAL B 211 27.46 -22.23 9.35
CA VAL B 211 28.81 -22.32 8.84
C VAL B 211 29.46 -23.64 9.27
N ASP B 212 29.89 -24.42 8.29
CA ASP B 212 30.65 -25.65 8.52
C ASP B 212 32.14 -25.30 8.49
N PHE B 213 32.83 -25.35 9.64
CA PHE B 213 34.23 -24.97 9.63
C PHE B 213 35.24 -25.95 10.26
N SER B 214 35.30 -26.03 11.58
CA SER B 214 36.40 -26.74 12.28
C SER B 214 36.56 -28.18 11.78
N SER B 215 35.74 -29.07 12.31
CA SER B 215 35.51 -30.39 11.70
C SER B 215 36.74 -31.28 11.47
N PRO B 216 37.55 -31.52 12.51
CA PRO B 216 38.67 -32.44 12.26
C PRO B 216 38.23 -33.89 12.47
N ASN B 217 39.04 -34.86 12.04
CA ASN B 217 38.71 -36.26 12.19
C ASN B 217 39.08 -36.79 13.57
N ILE B 218 38.08 -37.22 14.33
CA ILE B 218 38.31 -37.70 15.70
C ILE B 218 39.25 -38.89 15.71
N ALA B 219 40.13 -38.92 16.72
CA ALA B 219 41.14 -39.95 16.92
C ALA B 219 42.29 -39.83 15.91
N LYS B 220 42.15 -38.87 15.01
CA LYS B 220 43.29 -38.40 14.23
C LYS B 220 43.62 -37.02 14.78
N GLU B 221 44.90 -36.68 14.84
CA GLU B 221 45.29 -35.46 15.50
C GLU B 221 44.96 -34.24 14.65
N MET B 222 44.23 -33.29 15.24
CA MET B 222 43.87 -32.07 14.53
C MET B 222 45.12 -31.28 14.18
N HIS B 223 45.20 -30.81 12.95
CA HIS B 223 46.43 -30.19 12.43
C HIS B 223 46.21 -28.76 11.95
N VAL B 224 47.24 -28.20 11.32
CA VAL B 224 47.23 -26.81 10.85
C VAL B 224 46.25 -26.58 9.70
N GLY B 225 46.03 -27.61 8.90
CA GLY B 225 45.07 -27.53 7.81
C GLY B 225 43.68 -27.37 8.40
N HIS B 226 43.33 -28.25 9.32
CA HIS B 226 42.03 -28.23 9.98
C HIS B 226 41.94 -27.11 11.02
N LEU B 227 43.01 -26.33 11.15
CA LEU B 227 43.02 -25.17 12.04
C LEU B 227 42.75 -23.89 11.26
N ARG B 228 43.24 -23.85 10.01
CA ARG B 228 42.97 -22.72 9.13
C ARG B 228 41.47 -22.55 8.93
N SER B 229 40.74 -23.66 8.98
CA SER B 229 39.29 -23.64 8.87
C SER B 229 38.64 -23.52 10.24
N THR B 230 39.41 -23.10 11.25
CA THR B 230 38.83 -22.86 12.57
C THR B 230 38.81 -21.35 12.84
N ILE B 231 39.86 -20.65 12.45
CA ILE B 231 39.93 -19.21 12.62
C ILE B 231 39.18 -18.48 11.50
N ILE B 232 39.32 -18.96 10.25
CA ILE B 232 38.59 -18.41 9.10
C ILE B 232 37.12 -18.73 9.27
N GLY B 233 36.85 -19.83 9.96
CA GLY B 233 35.50 -20.32 10.13
C GLY B 233 34.69 -19.55 11.15
N GLU B 234 35.31 -19.20 12.27
CA GLU B 234 34.56 -18.52 13.33
C GLU B 234 34.70 -17.00 13.22
N SER B 235 35.67 -16.53 12.45
CA SER B 235 35.77 -15.10 12.17
C SER B 235 34.61 -14.69 11.26
N ILE B 236 34.38 -15.50 10.22
CA ILE B 236 33.23 -15.31 9.36
C ILE B 236 31.96 -15.39 10.17
N SER B 237 31.90 -16.36 11.07
CA SER B 237 30.68 -16.59 11.85
C SER B 237 30.26 -15.40 12.69
N ARG B 238 31.23 -14.62 13.16
CA ARG B 238 30.92 -13.43 13.96
C ARG B 238 30.65 -12.21 13.09
N LEU B 239 31.01 -12.31 11.82
CA LEU B 239 30.69 -11.24 10.86
C LEU B 239 29.18 -11.17 10.66
N PHE B 240 28.58 -12.31 10.35
CA PHE B 240 27.15 -12.37 10.07
C PHE B 240 26.33 -12.23 11.34
N GLU B 241 26.98 -12.45 12.48
CA GLU B 241 26.36 -12.16 13.77
C GLU B 241 26.33 -10.66 13.98
N PHE B 242 27.33 -9.97 13.44
CA PHE B 242 27.45 -8.53 13.56
C PHE B 242 26.56 -7.82 12.54
N ALA B 243 26.46 -8.40 11.35
CA ALA B 243 25.60 -7.87 10.30
C ALA B 243 24.14 -7.92 10.74
N GLY B 244 23.71 -9.06 11.27
CA GLY B 244 22.34 -9.23 11.73
C GLY B 244 21.73 -10.55 11.30
N TYR B 245 22.58 -11.48 10.86
CA TYR B 245 22.13 -12.80 10.44
C TYR B 245 22.10 -13.74 11.62
N ASP B 246 21.12 -14.64 11.66
CA ASP B 246 21.02 -15.66 12.71
C ASP B 246 21.98 -16.81 12.42
N VAL B 247 23.19 -16.71 12.94
CA VAL B 247 24.24 -17.67 12.63
C VAL B 247 24.24 -18.81 13.64
N LEU B 248 24.50 -20.01 13.13
CA LEU B 248 24.79 -21.16 13.98
C LEU B 248 26.06 -21.85 13.49
N ARG B 249 26.96 -22.15 14.43
CA ARG B 249 28.23 -22.76 14.09
C ARG B 249 28.18 -24.30 14.08
N LEU B 250 28.80 -24.92 13.08
CA LEU B 250 28.80 -26.38 12.99
C LEU B 250 30.19 -27.00 13.01
N ASN B 251 30.36 -27.99 13.89
CA ASN B 251 31.56 -28.81 13.94
C ASN B 251 31.28 -30.11 13.19
N HIS B 252 31.64 -30.15 11.91
CA HIS B 252 31.35 -31.29 11.04
C HIS B 252 32.34 -32.42 11.30
N VAL B 253 32.38 -32.87 12.53
CA VAL B 253 33.44 -33.74 13.01
C VAL B 253 33.41 -35.10 12.31
N GLY B 254 34.58 -35.74 12.21
CA GLY B 254 34.69 -36.99 11.50
C GLY B 254 34.67 -38.17 12.46
N ASP B 255 33.54 -38.35 13.12
CA ASP B 255 33.33 -39.49 14.01
C ASP B 255 32.53 -40.56 13.29
N TRP B 256 32.64 -40.56 11.97
CA TRP B 256 32.00 -41.58 11.15
C TRP B 256 33.00 -42.06 10.11
N GLY B 257 33.98 -42.82 10.58
CA GLY B 257 34.97 -43.40 9.70
C GLY B 257 34.94 -44.92 9.76
N THR B 258 35.34 -45.55 8.67
CA THR B 258 35.57 -46.99 8.66
C THR B 258 36.82 -47.28 9.49
N GLN B 259 37.52 -46.20 9.85
CA GLN B 259 38.69 -46.26 10.73
C GLN B 259 38.29 -46.38 12.20
N PHE B 260 37.05 -46.01 12.52
CA PHE B 260 36.57 -46.08 13.89
C PHE B 260 36.29 -47.51 14.29
N GLY B 261 36.05 -48.37 13.30
CA GLY B 261 35.90 -49.78 13.54
C GLY B 261 37.22 -50.40 13.93
N MET B 262 38.30 -49.85 13.38
CA MET B 262 39.66 -50.32 13.65
C MET B 262 40.08 -49.98 15.08
N LEU B 263 39.44 -48.96 15.65
CA LEU B 263 39.76 -48.53 17.01
C LEU B 263 39.14 -49.42 18.10
N ILE B 264 37.83 -49.65 18.01
CA ILE B 264 37.11 -50.38 19.04
C ILE B 264 37.56 -51.85 19.10
N ALA B 265 37.98 -52.39 17.95
CA ALA B 265 38.52 -53.74 17.89
C ALA B 265 39.85 -53.85 18.64
N HIS B 266 40.56 -52.74 18.70
CA HIS B 266 41.80 -52.66 19.48
C HIS B 266 41.47 -52.41 20.95
N LEU B 267 40.28 -51.87 21.21
CA LEU B 267 39.84 -51.60 22.57
C LEU B 267 39.34 -52.87 23.24
N GLN B 268 38.61 -53.69 22.49
CA GLN B 268 38.07 -54.96 23.02
C GLN B 268 39.19 -55.89 23.50
N ASP B 269 40.41 -55.65 23.02
CA ASP B 269 41.58 -56.43 23.43
C ASP B 269 42.39 -55.70 24.50
N LYS B 270 42.73 -54.44 24.24
CA LYS B 270 43.51 -53.60 25.16
C LYS B 270 42.84 -53.54 26.52
N PHE B 271 41.56 -53.17 26.53
CA PHE B 271 40.77 -53.15 27.74
C PHE B 271 39.47 -53.95 27.57
N PRO B 272 39.43 -55.17 28.11
CA PRO B 272 38.17 -55.94 28.08
C PRO B 272 37.14 -55.34 29.05
N ASP B 273 37.59 -54.42 29.88
CA ASP B 273 36.75 -53.80 30.90
C ASP B 273 36.46 -52.33 30.62
N TYR B 274 36.46 -51.94 29.34
CA TYR B 274 36.17 -50.56 28.94
C TYR B 274 34.76 -50.13 29.37
N LEU B 275 33.86 -51.11 29.37
CA LEU B 275 32.45 -50.89 29.69
C LEU B 275 32.22 -50.63 31.17
N THR B 276 33.16 -51.14 31.99
CA THR B 276 33.03 -51.02 33.44
C THR B 276 34.15 -50.21 34.09
N VAL B 277 35.30 -50.12 33.42
CA VAL B 277 36.45 -49.36 33.93
C VAL B 277 36.89 -48.29 32.94
N SER B 278 37.07 -47.07 33.43
CA SER B 278 37.52 -45.97 32.57
C SER B 278 38.92 -46.26 32.03
N PRO B 279 39.06 -46.18 30.69
CA PRO B 279 40.29 -46.56 29.99
C PRO B 279 41.39 -45.51 30.03
N PRO B 280 42.55 -45.87 30.58
CA PRO B 280 43.73 -45.00 30.57
C PRO B 280 44.38 -44.95 29.18
N ILE B 281 43.84 -44.09 28.32
CA ILE B 281 44.43 -43.89 26.99
C ILE B 281 44.83 -42.44 26.80
N GLY B 282 46.14 -42.23 26.60
CA GLY B 282 46.69 -40.90 26.51
C GLY B 282 46.54 -40.30 25.12
N ASP B 283 47.49 -40.61 24.25
CA ASP B 283 47.50 -40.02 22.91
C ASP B 283 46.61 -40.82 21.96
N LEU B 284 45.92 -40.09 21.07
CA LEU B 284 44.98 -40.68 20.15
C LEU B 284 45.67 -41.42 19.02
N GLN B 285 46.72 -40.82 18.48
CA GLN B 285 47.38 -41.36 17.30
C GLN B 285 48.26 -42.56 17.63
N VAL B 286 48.81 -42.60 18.84
CA VAL B 286 49.63 -43.73 19.25
C VAL B 286 48.75 -44.94 19.50
N PHE B 287 47.52 -44.69 19.93
CA PHE B 287 46.54 -45.75 20.08
C PHE B 287 45.99 -46.08 18.70
N TYR B 288 45.86 -45.05 17.87
CA TYR B 288 45.38 -45.24 16.51
C TYR B 288 46.38 -46.09 15.73
N LYS B 289 47.64 -45.65 15.69
CA LYS B 289 48.66 -46.36 14.92
C LYS B 289 49.01 -47.69 15.57
N GLU B 290 48.48 -47.94 16.77
CA GLU B 290 48.55 -49.26 17.37
C GLU B 290 47.48 -50.15 16.75
N SER B 291 46.29 -49.59 16.54
CA SER B 291 45.22 -50.31 15.87
C SER B 291 45.52 -50.47 14.38
N LYS B 292 46.33 -49.56 13.85
CA LYS B 292 46.74 -49.61 12.44
C LYS B 292 47.68 -50.77 12.18
N LYS B 293 48.67 -50.95 13.06
CA LYS B 293 49.60 -52.07 12.96
C LYS B 293 48.85 -53.39 13.10
N ARG B 294 47.85 -53.41 13.98
CA ARG B 294 46.97 -54.57 14.13
C ARG B 294 46.23 -54.81 12.82
N PHE B 295 45.84 -53.70 12.20
CA PHE B 295 45.03 -53.73 10.99
C PHE B 295 45.75 -54.38 9.81
N ASP B 296 46.87 -53.80 9.41
CA ASP B 296 47.60 -54.24 8.24
C ASP B 296 48.20 -55.64 8.38
N THR B 297 48.70 -55.94 9.58
CA THR B 297 49.41 -57.19 9.84
C THR B 297 48.46 -58.37 10.09
N GLU B 298 47.65 -58.28 11.15
CA GLU B 298 46.74 -59.36 11.55
C GLU B 298 45.60 -59.56 10.55
N GLU B 299 44.99 -60.75 10.60
CA GLU B 299 43.84 -61.06 9.75
C GLU B 299 42.59 -61.35 10.60
N GLU B 300 42.81 -61.75 11.84
CA GLU B 300 41.72 -61.92 12.78
C GLU B 300 41.27 -60.58 13.33
N PHE B 301 42.20 -59.64 13.41
CA PHE B 301 41.87 -58.29 13.85
C PHE B 301 41.04 -57.59 12.79
N LYS B 302 41.51 -57.63 11.54
CA LYS B 302 40.85 -56.89 10.46
C LYS B 302 39.45 -57.41 10.18
N LYS B 303 39.20 -58.67 10.51
CA LYS B 303 37.86 -59.24 10.34
C LYS B 303 37.00 -58.97 11.57
N ARG B 304 37.63 -58.57 12.66
CA ARG B 304 36.87 -58.11 13.83
C ARG B 304 36.59 -56.61 13.68
N ALA B 305 37.52 -55.92 13.01
CA ALA B 305 37.46 -54.47 12.86
C ALA B 305 36.29 -54.00 12.00
N TYR B 306 36.12 -54.60 10.83
CA TYR B 306 35.06 -54.15 9.90
C TYR B 306 33.77 -54.93 10.13
N GLN B 307 33.79 -55.86 11.06
CA GLN B 307 32.57 -56.52 11.49
C GLN B 307 31.91 -55.75 12.63
N CYS B 308 32.67 -54.84 13.24
CA CYS B 308 32.11 -54.03 14.32
C CYS B 308 31.85 -52.59 13.85
N VAL B 309 32.37 -52.24 12.68
CA VAL B 309 32.12 -50.92 12.08
C VAL B 309 30.75 -50.92 11.42
N VAL B 310 30.08 -52.08 11.48
CA VAL B 310 28.72 -52.24 10.98
C VAL B 310 27.77 -52.50 12.17
N LEU B 311 28.36 -52.92 13.29
CA LEU B 311 27.62 -53.08 14.53
C LEU B 311 27.24 -51.72 15.08
N LEU B 312 28.17 -50.77 14.94
CA LEU B 312 27.98 -49.41 15.43
C LEU B 312 27.07 -48.60 14.51
N GLN B 313 26.98 -49.00 13.25
CA GLN B 313 26.00 -48.44 12.33
C GLN B 313 24.60 -48.84 12.78
N GLY B 314 24.53 -49.96 13.51
CA GLY B 314 23.27 -50.50 13.97
C GLY B 314 22.94 -50.18 15.42
N LYS B 315 23.59 -49.15 15.96
CA LYS B 315 23.25 -48.61 17.27
C LYS B 315 23.35 -49.65 18.40
N ASN B 316 24.34 -50.53 18.29
CA ASN B 316 24.61 -51.54 19.31
C ASN B 316 24.97 -50.90 20.65
N PRO B 317 24.15 -51.16 21.69
CA PRO B 317 24.28 -50.62 23.05
C PRO B 317 25.68 -50.73 23.63
N ASP B 318 26.26 -51.92 23.56
CA ASP B 318 27.58 -52.15 24.14
C ASP B 318 28.69 -51.56 23.28
N ILE B 319 28.58 -51.73 21.96
CA ILE B 319 29.56 -51.17 21.04
C ILE B 319 29.57 -49.64 21.09
N THR B 320 28.38 -49.05 21.19
CA THR B 320 28.22 -47.59 21.24
C THR B 320 28.81 -47.02 22.52
N LYS B 321 28.71 -47.77 23.61
CA LYS B 321 29.29 -47.35 24.88
C LYS B 321 30.79 -47.12 24.72
N ALA B 322 31.43 -47.93 23.88
CA ALA B 322 32.85 -47.76 23.56
C ALA B 322 33.06 -46.45 22.82
N TRP B 323 32.29 -46.29 21.74
CA TRP B 323 32.41 -45.14 20.85
C TRP B 323 32.30 -43.81 21.58
N LYS B 324 31.36 -43.73 22.52
CA LYS B 324 31.15 -42.51 23.31
C LYS B 324 32.38 -42.13 24.13
N LEU B 325 33.06 -43.14 24.66
CA LEU B 325 34.24 -42.93 25.50
C LEU B 325 35.46 -42.51 24.67
N ILE B 326 35.58 -43.07 23.47
CA ILE B 326 36.70 -42.77 22.59
C ILE B 326 36.79 -41.27 22.31
N CYS B 327 35.65 -40.69 21.97
CA CYS B 327 35.59 -39.28 21.60
C CYS B 327 35.93 -38.36 22.77
N ASP B 328 35.56 -38.77 23.98
CA ASP B 328 35.73 -37.96 25.18
C ASP B 328 37.19 -37.62 25.49
N VAL B 329 38.12 -38.35 24.88
CA VAL B 329 39.53 -38.04 25.05
C VAL B 329 40.03 -37.13 23.92
N SER B 330 39.59 -37.39 22.69
CA SER B 330 39.97 -36.55 21.54
C SER B 330 39.15 -35.27 21.53
N ARG B 331 38.07 -35.24 22.31
CA ARG B 331 37.27 -34.02 22.43
C ARG B 331 37.58 -33.25 23.71
N GLN B 332 38.35 -33.86 24.61
CA GLN B 332 38.88 -33.09 25.73
C GLN B 332 40.12 -32.35 25.24
N GLU B 333 40.81 -32.97 24.29
CA GLU B 333 41.95 -32.33 23.63
C GLU B 333 41.45 -31.22 22.71
N LEU B 334 40.22 -31.34 22.23
CA LEU B 334 39.64 -30.35 21.34
C LEU B 334 39.14 -29.12 22.08
N ASN B 335 38.53 -29.33 23.25
CA ASN B 335 38.06 -28.23 24.08
C ASN B 335 39.23 -27.55 24.79
N LYS B 336 40.40 -28.18 24.69
CA LYS B 336 41.63 -27.56 25.14
C LYS B 336 42.12 -26.56 24.10
N ILE B 337 41.52 -26.60 22.91
CA ILE B 337 41.87 -25.72 21.80
C ILE B 337 40.88 -24.57 21.63
N TYR B 338 39.60 -24.89 21.72
CA TYR B 338 38.55 -23.90 21.56
C TYR B 338 38.58 -22.87 22.70
N ASP B 339 38.92 -23.32 23.89
CA ASP B 339 38.96 -22.44 25.06
C ASP B 339 39.91 -21.26 24.84
N ALA B 340 41.01 -21.52 24.13
CA ALA B 340 42.05 -20.52 23.93
C ALA B 340 41.66 -19.52 22.85
N LEU B 341 41.26 -20.04 21.69
CA LEU B 341 40.88 -19.22 20.55
C LEU B 341 39.50 -18.61 20.77
N ASP B 342 38.88 -18.98 21.88
CA ASP B 342 37.54 -18.53 22.25
C ASP B 342 36.54 -18.87 21.16
N VAL B 343 36.68 -20.07 20.59
CA VAL B 343 35.78 -20.55 19.55
C VAL B 343 34.53 -21.17 20.17
N SER B 344 33.41 -20.46 20.09
CA SER B 344 32.13 -21.03 20.49
C SER B 344 31.62 -21.90 19.33
N LEU B 345 31.25 -23.15 19.64
CA LEU B 345 30.88 -24.13 18.63
C LEU B 345 29.79 -25.11 19.06
N ILE B 346 29.15 -25.70 18.07
CA ILE B 346 28.11 -26.70 18.30
C ILE B 346 28.39 -27.93 17.42
N GLU B 347 28.73 -29.05 18.04
CA GLU B 347 29.20 -30.22 17.31
C GLU B 347 28.10 -31.07 16.71
N ARG B 348 28.14 -31.24 15.39
CA ARG B 348 27.29 -32.20 14.69
C ARG B 348 28.04 -32.80 13.50
N GLY B 349 28.97 -33.69 13.81
CA GLY B 349 29.66 -34.45 12.79
C GLY B 349 28.78 -35.58 12.27
N GLU B 350 29.26 -36.26 11.23
CA GLU B 350 28.46 -37.23 10.47
C GLU B 350 27.80 -38.32 11.31
N SER B 351 28.18 -38.42 12.58
CA SER B 351 27.57 -39.37 13.49
C SER B 351 26.07 -39.17 13.62
N PHE B 352 25.64 -37.94 13.37
CA PHE B 352 24.26 -37.54 13.57
C PHE B 352 23.32 -37.99 12.45
N TYR B 353 23.88 -38.23 11.26
CA TYR B 353 23.05 -38.52 10.09
C TYR B 353 22.93 -40.01 9.78
N GLN B 354 23.46 -40.85 10.66
CA GLN B 354 23.45 -42.30 10.43
C GLN B 354 22.05 -42.85 10.32
N ASP B 355 21.07 -42.06 10.75
CA ASP B 355 19.67 -42.43 10.66
C ASP B 355 19.10 -42.02 9.31
N ARG B 356 19.30 -40.76 8.94
CA ARG B 356 18.66 -40.22 7.75
C ARG B 356 19.47 -40.43 6.48
N MET B 357 20.73 -40.83 6.61
CA MET B 357 21.53 -41.18 5.44
C MET B 357 20.89 -42.33 4.68
N ASN B 358 20.24 -43.21 5.42
CA ASN B 358 19.53 -44.35 4.84
C ASN B 358 18.31 -43.90 4.03
N ASP B 359 17.73 -42.76 4.40
CA ASP B 359 16.55 -42.27 3.70
C ASP B 359 16.90 -41.34 2.54
N ILE B 360 18.20 -41.15 2.30
CA ILE B 360 18.69 -40.32 1.21
C ILE B 360 19.17 -41.23 0.07
N VAL B 361 19.76 -42.35 0.47
CA VAL B 361 20.14 -43.42 -0.45
C VAL B 361 18.92 -43.89 -1.21
N LYS B 362 17.79 -43.87 -0.51
CA LYS B 362 16.52 -44.31 -1.07
C LYS B 362 15.93 -43.29 -2.04
N GLU B 363 16.11 -42.01 -1.74
CA GLU B 363 15.53 -40.95 -2.57
C GLU B 363 16.13 -40.92 -3.97
N PHE B 364 17.35 -41.43 -4.12
CA PHE B 364 18.05 -41.38 -5.41
C PHE B 364 17.87 -42.65 -6.23
N GLU B 365 16.97 -43.52 -5.81
CA GLU B 365 16.59 -44.64 -6.63
C GLU B 365 15.13 -44.46 -7.00
N ASP B 366 14.40 -43.79 -6.10
CA ASP B 366 13.02 -43.42 -6.36
C ASP B 366 12.98 -42.41 -7.49
N ARG B 367 14.01 -41.57 -7.54
CA ARG B 367 14.15 -40.55 -8.57
C ARG B 367 14.85 -41.11 -9.81
N GLY B 368 15.41 -42.31 -9.67
CA GLY B 368 16.09 -42.98 -10.76
C GLY B 368 17.34 -42.29 -11.27
N PHE B 369 18.10 -41.69 -10.36
CA PHE B 369 19.33 -40.96 -10.71
C PHE B 369 20.56 -41.85 -10.61
N VAL B 370 20.44 -42.94 -9.87
CA VAL B 370 21.58 -43.82 -9.57
C VAL B 370 21.81 -44.85 -10.66
N GLN B 371 23.06 -44.99 -11.10
CA GLN B 371 23.43 -46.02 -12.07
C GLN B 371 24.17 -47.18 -11.40
N VAL B 372 23.98 -48.38 -11.94
CA VAL B 372 24.59 -49.61 -11.42
C VAL B 372 25.95 -49.90 -12.03
N ASP B 373 26.99 -49.87 -11.20
CA ASP B 373 28.36 -50.04 -11.70
C ASP B 373 29.32 -50.58 -10.64
N ASP B 374 29.94 -51.72 -10.94
CA ASP B 374 30.99 -52.33 -10.11
C ASP B 374 30.52 -52.69 -8.70
N GLY B 375 29.28 -53.16 -8.58
CA GLY B 375 28.75 -53.52 -7.28
C GLY B 375 28.56 -52.31 -6.39
N ARG B 376 28.61 -51.14 -7.01
CA ARG B 376 28.43 -49.87 -6.31
C ARG B 376 27.30 -49.10 -6.98
N LYS B 377 26.80 -48.09 -6.30
CA LYS B 377 25.75 -47.24 -6.85
C LYS B 377 26.26 -45.81 -6.94
N ILE B 378 26.44 -45.33 -8.16
CA ILE B 378 27.03 -44.01 -8.38
C ILE B 378 26.14 -43.09 -9.18
N VAL B 379 26.28 -41.79 -8.94
CA VAL B 379 25.46 -40.78 -9.61
C VAL B 379 26.34 -39.81 -10.41
N PHE B 380 25.84 -39.36 -11.55
CA PHE B 380 26.63 -38.53 -12.47
C PHE B 380 26.16 -37.08 -12.53
N VAL B 381 27.03 -36.17 -12.10
CA VAL B 381 26.77 -34.75 -12.18
C VAL B 381 26.98 -34.28 -13.61
N PRO B 382 26.02 -33.54 -14.17
CA PRO B 382 26.12 -33.04 -15.55
C PRO B 382 27.10 -31.88 -15.72
N GLY B 383 27.92 -31.63 -14.70
CA GLY B 383 28.87 -30.54 -14.75
C GLY B 383 30.31 -31.02 -14.86
N CYS B 384 30.57 -32.24 -14.38
CA CYS B 384 31.90 -32.82 -14.43
C CYS B 384 31.82 -34.23 -14.99
N SER B 385 32.87 -35.02 -14.79
CA SER B 385 32.86 -36.41 -15.23
C SER B 385 33.17 -37.34 -14.07
N ILE B 386 33.08 -36.78 -12.87
CA ILE B 386 33.40 -37.51 -11.66
C ILE B 386 32.13 -37.82 -10.86
N PRO B 387 31.78 -39.11 -10.76
CA PRO B 387 30.57 -39.58 -10.08
C PRO B 387 30.75 -39.74 -8.57
N LEU B 388 29.63 -39.86 -7.84
CA LEU B 388 29.67 -39.98 -6.39
C LEU B 388 29.42 -41.41 -5.91
N THR B 389 30.09 -41.78 -4.83
CA THR B 389 29.89 -43.09 -4.23
C THR B 389 29.09 -42.97 -2.94
N ILE B 390 27.85 -43.46 -3.00
CA ILE B 390 26.94 -43.42 -1.86
C ILE B 390 26.68 -44.82 -1.28
N VAL B 391 27.00 -45.85 -2.06
CA VAL B 391 26.89 -47.22 -1.59
C VAL B 391 28.20 -47.97 -1.79
N LYS B 392 28.85 -48.35 -0.70
CA LYS B 392 30.07 -49.13 -0.76
C LYS B 392 29.78 -50.57 -1.19
N SER B 393 30.83 -51.36 -1.40
CA SER B 393 30.68 -52.75 -1.82
C SER B 393 30.28 -53.64 -0.65
N ASP B 394 30.24 -53.06 0.56
CA ASP B 394 29.86 -53.80 1.76
C ASP B 394 28.75 -53.12 2.55
N GLY B 395 27.94 -52.31 1.87
CA GLY B 395 26.81 -51.65 2.51
C GLY B 395 27.17 -50.50 3.44
N GLY B 396 28.39 -49.98 3.28
CA GLY B 396 28.85 -48.87 4.08
C GLY B 396 28.64 -47.52 3.43
N TYR B 397 28.58 -46.47 4.23
CA TYR B 397 28.37 -45.12 3.72
C TYR B 397 29.64 -44.30 3.85
N THR B 398 29.89 -43.46 2.86
CA THR B 398 31.18 -42.78 2.74
C THR B 398 31.14 -41.32 3.18
N TYR B 399 31.85 -40.49 2.42
CA TYR B 399 31.89 -39.04 2.61
C TYR B 399 30.84 -38.41 1.70
N ASP B 400 30.62 -39.02 0.54
CA ASP B 400 29.63 -38.52 -0.41
C ASP B 400 28.22 -38.73 0.12
N THR B 401 28.05 -39.69 1.02
CA THR B 401 26.76 -39.97 1.66
C THR B 401 26.53 -39.01 2.80
N SER B 402 27.61 -38.65 3.47
CA SER B 402 27.50 -37.81 4.65
C SER B 402 27.07 -36.40 4.26
N ASP B 403 27.95 -35.68 3.57
CA ASP B 403 27.74 -34.26 3.29
C ASP B 403 26.62 -33.99 2.28
N LEU B 404 26.06 -35.06 1.74
CA LEU B 404 24.95 -34.93 0.82
C LEU B 404 23.63 -35.18 1.57
N ALA B 405 23.68 -36.00 2.59
CA ALA B 405 22.52 -36.21 3.46
C ALA B 405 22.51 -35.17 4.56
N ALA B 406 23.51 -34.30 4.54
CA ALA B 406 23.63 -33.23 5.53
C ALA B 406 23.37 -31.88 4.88
N ILE B 407 23.50 -31.82 3.55
CA ILE B 407 23.20 -30.60 2.81
C ILE B 407 21.70 -30.50 2.58
N LYS B 408 20.98 -31.53 3.02
CA LYS B 408 19.52 -31.51 2.95
C LYS B 408 18.94 -31.07 4.28
N GLN B 409 19.53 -31.56 5.36
CA GLN B 409 19.08 -31.18 6.69
C GLN B 409 19.38 -29.71 6.97
N ARG B 410 20.49 -29.22 6.45
CA ARG B 410 20.80 -27.80 6.54
C ARG B 410 19.95 -26.98 5.58
N LEU B 411 19.07 -27.66 4.83
CA LEU B 411 18.20 -27.01 3.85
C LEU B 411 16.72 -27.12 4.18
N PHE B 412 16.30 -28.27 4.70
CA PHE B 412 14.87 -28.55 4.85
C PHE B 412 14.41 -28.66 6.30
N GLU B 413 15.38 -28.67 7.21
CA GLU B 413 15.06 -28.66 8.64
C GLU B 413 15.50 -27.33 9.24
N GLU B 414 16.79 -27.04 9.11
CA GLU B 414 17.34 -25.79 9.59
C GLU B 414 16.77 -24.63 8.78
N LYS B 415 16.44 -24.92 7.52
CA LYS B 415 15.87 -23.94 6.59
C LYS B 415 16.78 -22.72 6.45
N ALA B 416 18.06 -22.97 6.20
CA ALA B 416 19.03 -21.88 6.07
C ALA B 416 18.74 -21.05 4.83
N ASP B 417 19.27 -19.83 4.81
CA ASP B 417 19.12 -18.93 3.67
C ASP B 417 20.42 -18.85 2.88
N MET B 418 21.48 -19.43 3.46
CA MET B 418 22.82 -19.43 2.88
C MET B 418 23.72 -20.24 3.79
N ILE B 419 24.48 -21.18 3.22
CA ILE B 419 25.45 -21.94 4.00
C ILE B 419 26.86 -21.85 3.41
N ILE B 420 27.84 -21.66 4.29
CA ILE B 420 29.22 -21.52 3.87
C ILE B 420 30.04 -22.73 4.29
N TYR B 421 30.66 -23.38 3.30
CA TYR B 421 31.48 -24.56 3.57
C TYR B 421 32.96 -24.20 3.62
N VAL B 422 33.52 -24.17 4.82
CA VAL B 422 34.91 -23.78 5.01
C VAL B 422 35.81 -25.00 5.12
N VAL B 423 36.22 -25.53 3.98
CA VAL B 423 37.30 -26.51 3.95
C VAL B 423 38.31 -26.06 2.89
N ASP B 424 39.41 -26.80 2.76
CA ASP B 424 40.51 -26.40 1.88
C ASP B 424 40.14 -26.37 0.39
N ASN B 425 41.14 -26.10 -0.45
CA ASN B 425 40.94 -25.95 -1.88
C ASN B 425 41.17 -27.27 -2.63
N GLY B 426 41.35 -28.35 -1.86
CA GLY B 426 41.61 -29.66 -2.43
C GLY B 426 40.37 -30.52 -2.51
N GLN B 427 39.33 -30.11 -1.78
CA GLN B 427 38.06 -30.83 -1.81
C GLN B 427 37.02 -30.05 -2.58
N SER B 428 37.48 -29.06 -3.35
CA SER B 428 36.61 -28.20 -4.15
C SER B 428 35.90 -28.95 -5.27
N VAL B 429 36.58 -29.96 -5.80
CA VAL B 429 35.99 -30.84 -6.80
C VAL B 429 34.80 -31.54 -6.16
N HIS B 430 34.98 -31.98 -4.92
CA HIS B 430 33.95 -32.70 -4.18
C HIS B 430 32.72 -31.83 -3.94
N PHE B 431 32.94 -30.66 -3.33
CA PHE B 431 31.83 -29.83 -2.88
C PHE B 431 31.02 -29.23 -4.03
N GLN B 432 31.68 -28.80 -5.10
CA GLN B 432 30.94 -28.22 -6.21
C GLN B 432 30.23 -29.32 -7.01
N THR B 433 30.46 -30.58 -6.62
CA THR B 433 29.75 -31.72 -7.20
C THR B 433 28.53 -32.07 -6.34
N ILE B 434 28.71 -32.08 -5.02
CA ILE B 434 27.60 -32.29 -4.09
C ILE B 434 26.63 -31.11 -4.18
N PHE B 435 27.16 -29.93 -4.46
CA PHE B 435 26.32 -28.75 -4.69
C PHE B 435 25.43 -28.94 -5.91
N ALA B 436 26.09 -29.10 -7.06
CA ALA B 436 25.39 -29.22 -8.33
C ALA B 436 24.41 -30.39 -8.32
N ALA B 437 24.79 -31.48 -7.66
CA ALA B 437 23.90 -32.62 -7.53
C ALA B 437 22.69 -32.25 -6.67
N ALA B 438 22.94 -31.46 -5.62
CA ALA B 438 21.86 -31.04 -4.74
C ALA B 438 20.83 -30.24 -5.51
N GLN B 439 21.29 -29.34 -6.37
CA GLN B 439 20.41 -28.54 -7.19
C GLN B 439 19.67 -29.42 -8.20
N MET B 440 20.30 -30.51 -8.60
CA MET B 440 19.76 -31.38 -9.63
C MET B 440 18.46 -32.05 -9.21
N ILE B 441 18.48 -32.74 -8.08
CA ILE B 441 17.30 -33.41 -7.55
C ILE B 441 16.27 -32.36 -7.10
N GLY B 442 16.75 -31.13 -6.90
CA GLY B 442 15.87 -29.98 -6.71
C GLY B 442 15.61 -29.61 -5.26
N TRP B 443 16.68 -29.49 -4.47
CA TRP B 443 16.58 -29.11 -3.07
C TRP B 443 16.59 -27.59 -2.90
N TYR B 444 17.47 -26.93 -3.63
CA TYR B 444 17.55 -25.47 -3.60
C TYR B 444 17.85 -24.88 -4.96
N ASP B 445 17.74 -23.56 -5.06
CA ASP B 445 18.05 -22.85 -6.29
C ASP B 445 19.26 -21.94 -6.10
N PRO B 446 20.19 -21.94 -7.08
CA PRO B 446 21.43 -21.15 -7.06
C PRO B 446 21.23 -19.66 -6.81
N LYS B 447 19.99 -19.18 -6.89
CA LYS B 447 19.68 -17.76 -6.69
C LYS B 447 18.56 -17.52 -5.67
N VAL B 448 18.18 -18.58 -4.95
CA VAL B 448 17.28 -18.45 -3.80
C VAL B 448 18.06 -18.71 -2.51
N THR B 449 19.06 -19.56 -2.61
CA THR B 449 20.01 -19.82 -1.54
C THR B 449 21.38 -19.99 -2.16
N ARG B 450 22.32 -19.13 -1.80
CA ARG B 450 23.67 -19.24 -2.36
C ARG B 450 24.56 -20.14 -1.51
N VAL B 451 24.70 -21.39 -1.94
CA VAL B 451 25.58 -22.33 -1.27
C VAL B 451 26.97 -22.22 -1.89
N PHE B 452 27.91 -21.72 -1.10
CA PHE B 452 29.20 -21.33 -1.63
C PHE B 452 30.33 -22.07 -0.91
N HIS B 453 31.43 -22.33 -1.63
CA HIS B 453 32.55 -23.04 -1.05
C HIS B 453 33.66 -22.10 -0.57
N ALA B 454 33.77 -21.95 0.74
CA ALA B 454 34.83 -21.15 1.34
C ALA B 454 36.11 -21.97 1.38
N GLY B 455 36.91 -21.87 0.32
CA GLY B 455 38.15 -22.62 0.21
C GLY B 455 39.36 -21.86 0.71
N PHE B 456 40.45 -22.57 0.93
CA PHE B 456 41.69 -21.92 1.34
C PHE B 456 42.93 -22.73 0.96
N GLY B 457 44.09 -22.08 0.98
CA GLY B 457 45.33 -22.71 0.56
C GLY B 457 45.86 -23.74 1.52
N VAL B 458 47.13 -24.10 1.34
CA VAL B 458 47.76 -25.14 2.16
C VAL B 458 48.78 -24.54 3.13
N VAL B 459 48.97 -25.22 4.25
CA VAL B 459 49.87 -24.73 5.29
C VAL B 459 51.32 -25.12 4.98
N LEU B 460 52.19 -24.12 4.81
CA LEU B 460 53.59 -24.40 4.52
C LEU B 460 54.52 -23.87 5.62
N GLY B 461 55.64 -24.54 5.83
CA GLY B 461 56.63 -24.10 6.78
C GLY B 461 57.50 -23.00 6.20
N GLU B 462 58.53 -22.59 6.95
CA GLU B 462 59.47 -21.57 6.48
C GLU B 462 60.46 -22.17 5.48
N ASP B 463 60.33 -23.47 5.24
CA ASP B 463 61.13 -24.16 4.25
C ASP B 463 60.26 -24.54 3.05
N LYS B 464 59.18 -23.81 2.85
CA LYS B 464 58.28 -23.96 1.70
C LYS B 464 57.49 -25.28 1.65
N LYS B 465 57.80 -26.21 2.55
CA LYS B 465 57.26 -27.56 2.44
C LYS B 465 56.10 -27.86 3.39
N LYS B 466 55.74 -29.14 3.47
CA LYS B 466 54.67 -29.60 4.35
C LYS B 466 55.03 -29.26 5.78
N PHE B 467 54.02 -29.18 6.62
CA PHE B 467 54.19 -28.58 7.92
C PHE B 467 54.04 -29.59 9.08
N LYS B 468 55.11 -29.83 9.85
CA LYS B 468 56.49 -29.39 9.61
C LYS B 468 57.40 -30.19 10.52
N THR B 469 57.86 -29.53 11.59
CA THR B 469 58.67 -30.12 12.67
C THR B 469 59.92 -30.84 12.17
N ARG B 470 60.66 -31.43 13.11
CA ARG B 470 61.87 -32.17 12.78
C ARG B 470 61.54 -33.39 11.94
N SER B 471 60.44 -34.07 12.27
CA SER B 471 60.08 -35.30 11.59
C SER B 471 59.21 -35.09 10.33
N GLY B 472 58.01 -34.51 10.42
CA GLY B 472 57.36 -34.02 11.63
C GLY B 472 55.90 -34.41 11.68
N GLU B 473 55.50 -35.27 10.74
CA GLU B 473 54.15 -35.83 10.67
C GLU B 473 53.10 -34.72 10.68
N THR B 474 52.05 -34.93 11.46
CA THR B 474 51.07 -33.89 11.73
C THR B 474 51.43 -33.20 13.02
N VAL B 475 51.73 -31.91 12.95
CA VAL B 475 52.11 -31.14 14.11
C VAL B 475 50.92 -30.98 15.07
N ARG B 476 51.12 -31.38 16.33
CA ARG B 476 50.09 -31.23 17.34
C ARG B 476 49.89 -29.74 17.62
N LEU B 477 48.62 -29.31 17.60
CA LEU B 477 48.29 -27.89 17.65
C LEU B 477 48.46 -27.26 19.03
N MET B 478 48.50 -28.09 20.07
CA MET B 478 48.65 -27.59 21.44
C MET B 478 50.05 -27.00 21.68
N ASP B 479 51.05 -27.58 21.02
CA ASP B 479 52.44 -27.10 21.14
C ASP B 479 52.63 -25.77 20.42
N LEU B 480 51.79 -25.52 19.42
CA LEU B 480 51.82 -24.26 18.70
C LEU B 480 51.41 -23.15 19.65
N LEU B 481 50.49 -23.48 20.56
CA LEU B 481 50.06 -22.55 21.60
C LEU B 481 51.15 -22.40 22.66
N GLY B 482 51.86 -23.49 22.91
CA GLY B 482 52.99 -23.49 23.84
C GLY B 482 54.13 -22.62 23.35
N GLU B 483 54.53 -22.81 22.10
CA GLU B 483 55.56 -21.97 21.49
C GLU B 483 54.93 -20.70 20.92
N GLY B 484 53.71 -20.42 21.34
CA GLY B 484 53.01 -19.21 20.93
C GLY B 484 52.95 -18.17 22.04
N LEU B 485 53.09 -18.62 23.28
CA LEU B 485 53.11 -17.71 24.42
C LEU B 485 54.51 -17.60 25.03
N LYS B 486 55.43 -18.42 24.55
CA LYS B 486 56.84 -18.29 24.91
C LYS B 486 57.49 -17.28 23.97
N ARG B 487 57.14 -17.37 22.69
CA ARG B 487 57.62 -16.40 21.70
C ARG B 487 57.05 -15.02 22.01
N SER B 488 55.81 -14.98 22.51
CA SER B 488 55.13 -13.72 22.77
C SER B 488 55.57 -13.12 24.11
N MET B 489 56.36 -13.86 24.86
CA MET B 489 56.82 -13.42 26.17
C MET B 489 58.28 -12.95 26.15
N ASP B 490 59.09 -13.56 25.30
CA ASP B 490 60.51 -13.20 25.20
C ASP B 490 60.70 -11.79 24.65
N LYS B 491 59.76 -11.32 23.85
CA LYS B 491 59.79 -9.96 23.34
C LYS B 491 59.14 -8.97 24.32
N LEU B 492 58.32 -9.50 25.23
CA LEU B 492 57.54 -8.65 26.13
C LEU B 492 58.17 -8.51 27.51
N LYS B 493 59.43 -8.93 27.64
CA LYS B 493 60.24 -8.65 28.82
C LYS B 493 61.33 -7.65 28.46
N GLU B 494 61.04 -6.86 27.42
CA GLU B 494 61.97 -5.85 26.93
C GLU B 494 61.27 -4.52 26.66
N LYS B 495 61.11 -3.71 27.70
CA LYS B 495 61.43 -4.11 29.07
C LYS B 495 60.19 -3.91 29.93
N GLU B 496 59.08 -4.51 29.51
CA GLU B 496 57.80 -4.27 30.16
C GLU B 496 57.52 -5.22 31.32
N ARG B 497 58.52 -5.99 31.74
CA ARG B 497 58.35 -6.90 32.88
C ARG B 497 58.16 -6.11 34.18
N ASP B 498 58.39 -4.81 34.12
CA ASP B 498 58.23 -3.91 35.26
C ASP B 498 57.02 -2.99 35.12
N LYS B 499 56.86 -2.37 33.96
CA LYS B 499 55.71 -1.49 33.69
C LYS B 499 54.38 -2.24 33.79
N VAL B 500 54.37 -3.46 33.27
CA VAL B 500 53.19 -4.31 33.27
C VAL B 500 52.70 -4.59 34.69
N LEU B 501 51.39 -4.53 34.89
CA LEU B 501 50.81 -5.00 36.15
C LEU B 501 50.87 -6.51 36.13
N THR B 502 51.53 -7.07 37.15
CA THR B 502 51.89 -8.48 37.23
C THR B 502 50.87 -9.40 36.55
N ALA B 503 49.70 -9.56 37.14
CA ALA B 503 48.67 -10.43 36.59
C ALA B 503 47.98 -9.84 35.36
N GLU B 504 47.61 -8.56 35.44
CA GLU B 504 46.78 -7.96 34.41
C GLU B 504 47.46 -7.90 33.04
N GLU B 505 48.57 -7.17 32.96
CA GLU B 505 49.14 -6.79 31.66
C GLU B 505 50.08 -7.87 31.08
N LEU B 506 50.57 -8.77 31.92
CA LEU B 506 51.35 -9.88 31.39
C LEU B 506 50.42 -10.85 30.69
N ASN B 507 49.35 -11.21 31.37
CA ASN B 507 48.36 -12.08 30.78
C ASN B 507 47.71 -11.43 29.55
N ALA B 508 47.22 -10.22 29.73
CA ALA B 508 46.47 -9.54 28.67
C ALA B 508 47.33 -9.33 27.44
N ALA B 509 48.63 -9.10 27.62
CA ALA B 509 49.49 -8.88 26.47
C ALA B 509 49.82 -10.19 25.76
N GLN B 510 50.42 -11.12 26.48
CA GLN B 510 50.90 -12.36 25.87
C GLN B 510 49.79 -13.27 25.34
N THR B 511 48.56 -13.06 25.81
CA THR B 511 47.44 -13.87 25.34
C THR B 511 46.65 -13.16 24.25
N SER B 512 46.97 -11.90 24.04
CA SER B 512 46.41 -11.15 22.92
C SER B 512 47.42 -11.12 21.79
N VAL B 513 48.70 -11.08 22.13
CA VAL B 513 49.78 -11.12 21.15
C VAL B 513 49.84 -12.48 20.48
N ALA B 514 49.75 -13.54 21.27
CA ALA B 514 49.84 -14.89 20.76
C ALA B 514 48.69 -15.21 19.80
N TYR B 515 47.46 -15.11 20.29
CA TYR B 515 46.31 -15.48 19.48
C TYR B 515 45.92 -14.35 18.52
N GLY B 516 46.62 -13.22 18.61
CA GLY B 516 46.40 -12.13 17.68
C GLY B 516 47.20 -12.34 16.40
N CYS B 517 48.50 -12.54 16.53
CA CYS B 517 49.39 -12.72 15.37
C CYS B 517 49.01 -13.92 14.53
N ILE B 518 48.81 -15.05 15.20
CA ILE B 518 48.51 -16.32 14.55
C ILE B 518 47.25 -16.25 13.70
N LYS B 519 46.22 -15.62 14.27
CA LYS B 519 44.97 -15.47 13.56
C LYS B 519 45.15 -14.48 12.41
N TYR B 520 45.92 -13.44 12.66
CA TYR B 520 46.02 -12.33 11.71
C TYR B 520 46.85 -12.62 10.47
N ALA B 521 48.13 -12.97 10.64
CA ALA B 521 49.01 -13.17 9.48
C ALA B 521 48.50 -14.26 8.53
N ASP B 522 47.40 -14.93 8.90
CA ASP B 522 46.72 -15.88 8.03
C ASP B 522 45.48 -15.27 7.36
N LEU B 523 44.89 -14.28 8.01
CA LEU B 523 43.76 -13.56 7.44
C LEU B 523 44.21 -12.34 6.65
N SER B 524 45.48 -11.96 6.81
CA SER B 524 46.07 -10.87 6.05
C SER B 524 46.52 -11.40 4.70
N HIS B 525 47.20 -12.56 4.73
CA HIS B 525 47.51 -13.30 3.52
C HIS B 525 46.17 -13.75 2.95
N ASN B 526 46.10 -13.87 1.63
CA ASN B 526 44.85 -14.26 0.98
C ASN B 526 44.38 -15.65 1.44
N ARG B 527 43.10 -15.78 1.74
CA ARG B 527 42.56 -17.05 2.21
C ARG B 527 42.80 -18.18 1.19
N LEU B 528 42.48 -17.94 -0.07
CA LEU B 528 42.56 -18.98 -1.10
C LEU B 528 43.99 -19.46 -1.37
N ASN B 529 44.98 -18.71 -0.89
CA ASN B 529 46.38 -19.02 -1.21
C ASN B 529 47.14 -19.67 -0.05
N ASP B 530 48.30 -20.22 -0.39
CA ASP B 530 49.13 -20.99 0.54
C ASP B 530 49.74 -20.12 1.64
N TYR B 531 49.31 -20.35 2.87
CA TYR B 531 49.79 -19.56 4.00
C TYR B 531 51.14 -20.06 4.51
N ILE B 532 52.14 -19.19 4.42
CA ILE B 532 53.49 -19.50 4.92
C ILE B 532 53.62 -19.14 6.39
N PHE B 533 53.69 -20.15 7.24
CA PHE B 533 53.79 -19.93 8.67
C PHE B 533 55.21 -19.49 9.01
N SER B 534 55.39 -18.19 9.25
CA SER B 534 56.70 -17.66 9.64
C SER B 534 56.62 -17.03 11.02
N PHE B 535 57.03 -17.77 12.04
CA PHE B 535 56.90 -17.33 13.42
C PHE B 535 57.66 -16.04 13.73
N ASP B 536 58.63 -15.72 12.90
CA ASP B 536 59.41 -14.49 13.07
C ASP B 536 58.81 -13.32 12.29
N LYS B 537 58.20 -13.60 11.14
CA LYS B 537 57.55 -12.56 10.36
C LYS B 537 56.11 -12.35 10.82
N MET B 538 55.61 -13.30 11.61
CA MET B 538 54.25 -13.23 12.11
C MET B 538 54.21 -12.44 13.42
N LEU B 539 55.31 -12.45 14.16
CA LEU B 539 55.40 -11.69 15.40
C LEU B 539 56.38 -10.52 15.29
N ASP B 540 56.66 -10.08 14.06
CA ASP B 540 57.54 -8.94 13.85
C ASP B 540 56.86 -7.67 14.37
N ASP B 541 57.45 -7.06 15.40
CA ASP B 541 56.86 -5.89 16.07
C ASP B 541 56.65 -4.73 15.09
N ARG B 542 57.45 -4.71 14.02
CA ARG B 542 57.29 -3.74 12.96
C ARG B 542 56.85 -4.45 11.67
N GLY B 543 55.55 -4.66 11.55
CA GLY B 543 54.98 -5.34 10.41
C GLY B 543 53.48 -5.20 10.36
N ASN B 544 52.86 -5.68 9.29
CA ASN B 544 51.42 -5.57 9.15
C ASN B 544 50.69 -6.42 10.17
N THR B 545 51.40 -7.40 10.72
CA THR B 545 50.83 -8.33 11.69
C THR B 545 50.33 -7.63 12.94
N ALA B 546 49.57 -8.36 13.75
CA ALA B 546 48.91 -7.80 14.93
C ALA B 546 49.91 -7.30 15.97
N ALA B 547 51.19 -7.57 15.73
CA ALA B 547 52.23 -7.08 16.60
C ALA B 547 52.26 -5.56 16.61
N TYR B 548 52.03 -4.96 15.45
CA TYR B 548 52.04 -3.50 15.35
C TYR B 548 50.68 -2.92 15.72
N LEU B 549 49.60 -3.62 15.34
CA LEU B 549 48.24 -3.16 15.62
C LEU B 549 47.96 -2.99 17.11
N LEU B 550 48.06 -4.08 17.87
CA LEU B 550 47.78 -4.05 19.31
C LEU B 550 48.69 -3.09 20.06
N TYR B 551 49.84 -2.77 19.46
CA TYR B 551 50.80 -1.85 20.03
C TYR B 551 50.40 -0.39 19.73
N ALA B 552 49.97 -0.13 18.50
CA ALA B 552 49.56 1.21 18.12
C ALA B 552 48.10 1.46 18.53
N PHE B 553 47.38 0.40 18.86
CA PHE B 553 46.00 0.51 19.31
C PHE B 553 45.93 0.99 20.76
N THR B 554 46.82 0.48 21.61
CA THR B 554 46.94 1.00 22.98
C THR B 554 47.45 2.42 22.91
N ARG B 555 48.18 2.73 21.83
CA ARG B 555 48.79 4.04 21.61
C ARG B 555 47.76 5.13 21.31
N ILE B 556 46.56 4.71 20.90
CA ILE B 556 45.48 5.64 20.62
C ILE B 556 44.57 5.76 21.85
N ARG B 557 44.51 4.68 22.62
CA ARG B 557 43.84 4.72 23.92
C ARG B 557 44.83 5.24 24.97
N SER B 558 45.94 5.81 24.49
CA SER B 558 46.93 6.41 25.37
C SER B 558 47.05 7.91 25.17
N ILE B 559 46.54 8.43 24.05
CA ILE B 559 46.55 9.87 23.83
C ILE B 559 45.44 10.48 24.65
N ALA B 560 44.45 9.65 24.96
CA ALA B 560 43.33 10.03 25.81
C ALA B 560 43.67 9.82 27.28
N ARG B 561 44.35 8.71 27.57
CA ARG B 561 44.69 8.34 28.93
C ARG B 561 45.81 9.20 29.51
N LEU B 562 46.75 9.58 28.65
CA LEU B 562 47.88 10.40 29.06
C LEU B 562 47.46 11.86 29.22
N ALA B 563 46.18 12.13 28.95
CA ALA B 563 45.65 13.49 29.05
C ALA B 563 44.64 13.61 30.20
N ASN B 564 44.53 12.58 31.02
CA ASN B 564 43.59 12.54 32.15
C ASN B 564 42.15 12.83 31.74
N ILE B 565 41.57 11.93 30.95
CA ILE B 565 40.21 12.06 30.44
C ILE B 565 39.41 10.77 30.70
N ASP B 566 38.62 10.73 31.78
CA ASP B 566 37.99 9.48 32.23
C ASP B 566 36.81 9.03 31.37
N GLU B 567 36.17 7.95 31.79
CA GLU B 567 35.08 7.32 31.04
C GLU B 567 33.84 8.21 30.86
N GLU B 568 33.76 9.31 31.61
CA GLU B 568 32.61 10.21 31.54
C GLU B 568 32.94 11.49 30.77
N MET B 569 34.18 11.94 30.88
CA MET B 569 34.62 13.19 30.27
C MET B 569 34.68 13.11 28.73
N LEU B 570 34.71 11.90 28.20
CA LEU B 570 34.76 11.72 26.74
C LEU B 570 33.40 11.35 26.17
N GLN B 571 32.57 10.69 26.97
CA GLN B 571 31.26 10.21 26.52
C GLN B 571 30.20 11.32 26.59
N LYS B 572 30.54 12.42 27.25
CA LYS B 572 29.67 13.60 27.26
C LYS B 572 30.16 14.63 26.26
N ALA B 573 31.48 14.81 26.20
CA ALA B 573 32.08 15.78 25.29
C ALA B 573 31.86 15.37 23.84
N ALA B 574 31.76 14.07 23.61
CA ALA B 574 31.46 13.55 22.28
C ALA B 574 30.05 13.91 21.85
N ARG B 575 29.14 13.94 22.81
CA ARG B 575 27.73 14.18 22.52
C ARG B 575 27.46 15.66 22.20
N GLU B 576 28.47 16.51 22.38
CA GLU B 576 28.26 17.94 22.26
C GLU B 576 29.22 18.64 21.30
N THR B 577 30.44 18.12 21.18
CA THR B 577 31.46 18.76 20.35
C THR B 577 31.42 18.26 18.91
N LYS B 578 31.28 19.20 17.96
CA LYS B 578 31.30 18.86 16.53
C LYS B 578 32.74 18.89 16.03
N ILE B 579 33.04 18.01 15.07
CA ILE B 579 34.41 17.78 14.64
C ILE B 579 34.82 18.58 13.41
N LEU B 580 36.01 19.17 13.45
CA LEU B 580 36.54 19.98 12.36
C LEU B 580 37.35 19.17 11.36
N LEU B 581 37.23 19.51 10.08
CA LEU B 581 37.92 18.81 9.00
C LEU B 581 38.46 19.75 7.95
N ASP B 582 39.28 20.72 8.36
CA ASP B 582 39.79 21.72 7.45
C ASP B 582 41.13 21.31 6.81
N HIS B 583 42.01 20.73 7.61
CA HIS B 583 43.33 20.32 7.13
C HIS B 583 43.24 19.14 6.17
N GLU B 584 44.22 19.03 5.27
CA GLU B 584 44.19 18.01 4.22
C GLU B 584 44.33 16.59 4.77
N LYS B 585 45.09 16.44 5.85
CA LYS B 585 45.38 15.11 6.39
C LYS B 585 44.29 14.58 7.31
N GLU B 586 43.64 15.48 8.05
CA GLU B 586 42.53 15.08 8.91
C GLU B 586 41.29 14.77 8.07
N TRP B 587 41.33 15.18 6.81
CA TRP B 587 40.30 14.84 5.86
C TRP B 587 40.56 13.45 5.27
N LYS B 588 41.84 13.07 5.24
CA LYS B 588 42.26 11.77 4.74
C LYS B 588 41.95 10.67 5.74
N LEU B 589 42.03 11.01 7.02
CA LEU B 589 41.70 10.07 8.09
C LEU B 589 40.19 10.01 8.30
N GLY B 590 39.54 11.16 8.28
CA GLY B 590 38.11 11.26 8.53
C GLY B 590 37.27 10.45 7.55
N ARG B 591 37.84 10.18 6.39
CA ARG B 591 37.17 9.38 5.37
C ARG B 591 37.25 7.89 5.71
N CYS B 592 38.45 7.42 6.02
CA CYS B 592 38.72 6.01 6.25
C CYS B 592 37.97 5.47 7.47
N ILE B 593 37.59 6.36 8.39
CA ILE B 593 36.81 5.98 9.57
C ILE B 593 35.44 5.45 9.15
N LEU B 594 34.89 6.00 8.08
CA LEU B 594 33.56 5.63 7.61
C LEU B 594 33.57 4.64 6.43
N ARG B 595 34.77 4.31 5.96
CA ARG B 595 34.90 3.26 4.95
C ARG B 595 34.57 1.90 5.55
N PHE B 596 34.49 1.85 6.89
CA PHE B 596 34.35 0.61 7.64
C PHE B 596 33.17 -0.28 7.18
N PRO B 597 31.98 0.30 6.93
CA PRO B 597 30.93 -0.58 6.44
C PRO B 597 30.96 -0.82 4.93
N GLU B 598 31.74 -0.02 4.19
CA GLU B 598 31.91 -0.21 2.75
C GLU B 598 32.95 -1.31 2.49
N ILE B 599 33.75 -1.60 3.51
CA ILE B 599 34.71 -2.70 3.47
C ILE B 599 34.05 -3.98 3.99
N LEU B 600 33.13 -3.84 4.95
CA LEU B 600 32.42 -5.00 5.50
C LEU B 600 31.41 -5.59 4.52
N GLN B 601 30.93 -4.78 3.58
CA GLN B 601 29.96 -5.25 2.60
C GLN B 601 30.64 -6.12 1.55
N LYS B 602 31.82 -5.69 1.11
CA LYS B 602 32.60 -6.43 0.13
C LYS B 602 32.93 -7.82 0.66
N ILE B 603 33.09 -7.95 1.98
CA ILE B 603 33.49 -9.22 2.58
C ILE B 603 32.26 -10.06 2.96
N LEU B 604 31.09 -9.43 2.99
CA LEU B 604 29.84 -10.17 3.10
C LEU B 604 29.55 -10.87 1.77
N ASP B 605 30.15 -10.35 0.70
CA ASP B 605 29.86 -10.82 -0.65
C ASP B 605 30.92 -11.79 -1.17
N ASP B 606 32.20 -11.36 -1.19
CA ASP B 606 33.25 -12.21 -1.75
C ASP B 606 33.81 -13.16 -0.68
N LEU B 607 33.58 -12.82 0.58
CA LEU B 607 34.02 -13.64 1.73
C LEU B 607 35.53 -13.85 1.76
N PHE B 608 36.26 -12.88 1.20
CA PHE B 608 37.70 -12.81 1.37
C PHE B 608 38.01 -11.88 2.55
N LEU B 609 38.39 -12.46 3.69
CA LEU B 609 38.67 -11.70 4.91
C LEU B 609 39.98 -10.94 4.84
N HIS B 610 40.70 -11.13 3.73
CA HIS B 610 42.01 -10.52 3.57
C HIS B 610 41.92 -9.06 3.15
N THR B 611 40.71 -8.55 2.98
CA THR B 611 40.51 -7.15 2.61
C THR B 611 40.01 -6.35 3.82
N LEU B 612 39.86 -7.02 4.96
CA LEU B 612 39.60 -6.33 6.21
C LEU B 612 40.90 -6.01 6.92
N CYS B 613 41.83 -6.96 6.88
CA CYS B 613 43.16 -6.74 7.43
C CYS B 613 43.87 -5.63 6.66
N ASP B 614 43.62 -5.57 5.35
CA ASP B 614 44.15 -4.50 4.51
C ASP B 614 43.57 -3.16 4.95
N TYR B 615 42.37 -3.19 5.52
CA TYR B 615 41.71 -1.97 5.95
C TYR B 615 42.05 -1.56 7.39
N ILE B 616 42.12 -2.53 8.31
CA ILE B 616 42.44 -2.19 9.69
C ILE B 616 43.86 -1.63 9.74
N TYR B 617 44.64 -1.96 8.73
CA TYR B 617 45.95 -1.39 8.54
C TYR B 617 45.84 -0.06 7.79
N GLU B 618 44.77 0.10 7.01
CA GLU B 618 44.58 1.28 6.16
C GLU B 618 44.31 2.56 6.95
N LEU B 619 43.59 2.45 8.06
CA LEU B 619 43.30 3.62 8.87
C LEU B 619 44.45 3.95 9.81
N ALA B 620 45.27 2.95 10.13
CA ALA B 620 46.43 3.17 10.99
C ALA B 620 47.59 3.80 10.23
N THR B 621 47.56 3.68 8.90
CA THR B 621 48.54 4.34 8.05
C THR B 621 48.24 5.83 7.93
N ALA B 622 46.96 6.16 7.74
CA ALA B 622 46.54 7.55 7.65
C ALA B 622 46.47 8.18 9.03
N PHE B 623 46.68 7.36 10.07
CA PHE B 623 46.71 7.84 11.44
C PHE B 623 48.08 8.37 11.84
N THR B 624 49.12 7.62 11.51
CA THR B 624 50.48 8.07 11.83
C THR B 624 50.85 9.25 10.94
N GLU B 625 50.15 9.40 9.82
CA GLU B 625 50.26 10.59 8.97
C GLU B 625 49.50 11.76 9.58
N PHE B 626 48.53 11.44 10.45
CA PHE B 626 47.72 12.46 11.10
C PHE B 626 48.31 12.90 12.45
N TYR B 627 48.50 11.94 13.35
CA TYR B 627 48.94 12.23 14.71
C TYR B 627 50.30 12.93 14.75
N ASP B 628 51.08 12.75 13.69
CA ASP B 628 52.35 13.43 13.56
C ASP B 628 52.15 14.85 13.00
N SER B 629 51.18 15.01 12.11
CA SER B 629 50.89 16.29 11.49
C SER B 629 50.15 17.23 12.44
N CYS B 630 48.82 17.18 12.44
CA CYS B 630 48.02 18.01 13.33
C CYS B 630 48.19 17.60 14.79
N TYR B 631 48.55 18.56 15.62
CA TYR B 631 48.88 18.29 17.02
C TYR B 631 47.63 18.08 17.88
N CYS B 632 47.57 16.93 18.53
CA CYS B 632 46.45 16.61 19.43
C CYS B 632 46.60 17.32 20.75
N VAL B 633 47.75 17.13 21.39
CA VAL B 633 48.09 17.82 22.63
C VAL B 633 49.51 18.36 22.47
N GLU B 634 49.70 19.68 22.64
CA GLU B 634 50.92 20.31 22.14
C GLU B 634 51.63 21.35 23.02
N LYS B 635 51.06 21.74 24.16
CA LYS B 635 51.78 22.65 25.05
C LYS B 635 52.56 21.85 26.08
N ASP B 636 53.81 22.23 26.35
CA ASP B 636 54.54 23.34 25.71
C ASP B 636 56.03 23.01 25.71
N ARG B 637 56.86 23.91 25.18
CA ARG B 637 58.32 23.79 25.32
C ARG B 637 58.78 24.69 26.46
N GLN B 638 59.86 24.27 27.13
CA GLN B 638 60.40 24.91 28.33
C GLN B 638 59.51 24.67 29.55
N THR B 639 58.40 23.96 29.32
CA THR B 639 57.50 23.44 30.36
C THR B 639 56.39 22.63 29.69
N GLY B 640 56.17 21.40 30.15
CA GLY B 640 55.27 20.50 29.46
C GLY B 640 54.22 19.79 30.31
N LYS B 641 53.14 20.52 30.63
CA LYS B 641 52.01 19.96 31.36
C LYS B 641 50.68 20.20 30.62
N ILE B 642 50.42 21.45 30.29
CA ILE B 642 49.08 21.88 29.91
C ILE B 642 49.15 23.38 29.53
N LEU B 643 48.25 23.91 28.69
CA LEU B 643 47.10 23.23 28.14
C LEU B 643 46.87 23.58 26.67
N LYS B 644 46.52 22.56 25.88
CA LYS B 644 46.03 22.74 24.52
C LYS B 644 45.36 21.46 24.06
N VAL B 645 44.18 21.19 24.60
CA VAL B 645 43.46 20.00 24.17
C VAL B 645 42.43 20.35 23.10
N ASN B 646 42.59 19.73 21.93
CA ASN B 646 41.62 19.86 20.87
C ASN B 646 40.61 18.72 20.97
N MET B 647 39.52 18.97 21.69
CA MET B 647 38.54 17.93 22.02
C MET B 647 38.01 17.21 20.76
N TRP B 648 37.85 17.94 19.67
CA TRP B 648 37.34 17.34 18.43
C TRP B 648 38.38 16.39 17.81
N ARG B 649 39.65 16.66 18.08
CA ARG B 649 40.73 15.77 17.65
C ARG B 649 41.00 14.70 18.71
N MET B 650 40.33 14.78 19.86
CA MET B 650 40.38 13.72 20.86
C MET B 650 39.23 12.75 20.61
N LEU B 651 38.18 13.24 19.97
CA LEU B 651 37.06 12.41 19.57
C LEU B 651 37.46 11.55 18.38
N LEU B 652 38.48 11.99 17.65
CA LEU B 652 39.00 11.22 16.52
C LEU B 652 39.71 9.98 17.03
N CYS B 653 40.47 10.14 18.12
CA CYS B 653 41.23 9.06 18.71
C CYS B 653 40.37 8.19 19.62
N GLU B 654 39.10 8.52 19.71
CA GLU B 654 38.13 7.67 20.40
C GLU B 654 37.33 6.94 19.33
N ALA B 655 37.28 7.53 18.13
CA ALA B 655 36.57 6.95 16.99
C ALA B 655 37.40 5.86 16.34
N VAL B 656 38.67 6.16 16.12
CA VAL B 656 39.60 5.20 15.56
C VAL B 656 39.76 3.98 16.48
N ALA B 657 39.69 4.23 17.79
CA ALA B 657 39.82 3.17 18.79
C ALA B 657 38.56 2.30 18.93
N ALA B 658 37.38 2.89 18.74
CA ALA B 658 36.13 2.14 18.84
C ALA B 658 35.89 1.34 17.57
N VAL B 659 36.45 1.83 16.46
CA VAL B 659 36.32 1.15 15.17
C VAL B 659 37.16 -0.11 15.14
N MET B 660 38.45 0.01 15.44
CA MET B 660 39.36 -1.13 15.43
C MET B 660 38.97 -2.19 16.47
N ALA B 661 38.42 -1.76 17.61
CA ALA B 661 38.07 -2.69 18.68
C ALA B 661 36.87 -3.58 18.31
N LYS B 662 35.98 -3.05 17.47
CA LYS B 662 34.88 -3.84 16.93
C LYS B 662 35.35 -4.62 15.70
N GLY B 663 36.42 -4.13 15.07
CA GLY B 663 37.01 -4.81 13.94
C GLY B 663 37.97 -5.90 14.39
N PHE B 664 38.41 -5.79 15.64
CA PHE B 664 39.23 -6.82 16.26
C PHE B 664 38.33 -7.92 16.78
N ASP B 665 37.16 -7.53 17.27
CA ASP B 665 36.15 -8.48 17.71
C ASP B 665 35.73 -9.39 16.55
N ILE B 666 35.79 -8.85 15.32
CA ILE B 666 35.46 -9.61 14.13
C ILE B 666 36.56 -10.58 13.72
N LEU B 667 37.79 -10.08 13.67
CA LEU B 667 38.96 -10.89 13.34
C LEU B 667 39.19 -11.97 14.38
N GLY B 668 38.65 -11.75 15.58
CA GLY B 668 38.79 -12.70 16.67
C GLY B 668 39.87 -12.29 17.65
N ILE B 669 40.62 -11.26 17.30
CA ILE B 669 41.72 -10.76 18.13
C ILE B 669 41.23 -9.94 19.33
N LYS B 670 41.50 -10.42 20.53
CA LYS B 670 41.12 -9.70 21.74
C LYS B 670 42.00 -8.46 21.88
N PRO B 671 41.38 -7.26 21.86
CA PRO B 671 42.13 -6.00 21.93
C PRO B 671 42.72 -5.72 23.31
N VAL B 672 43.75 -4.87 23.36
CA VAL B 672 44.39 -4.49 24.61
C VAL B 672 44.39 -2.97 24.80
N GLN B 673 44.54 -2.51 26.03
CA GLN B 673 44.37 -1.09 26.32
C GLN B 673 45.64 -0.37 26.74
N ARG B 674 46.42 -0.99 27.61
CA ARG B 674 47.59 -0.33 28.18
C ARG B 674 48.90 -0.85 27.60
N MET B 675 49.10 -2.16 27.70
CA MET B 675 50.34 -2.83 27.24
C MET B 675 51.58 -2.26 27.95
N LEU C 244 -44.70 21.31 12.35
CA LEU C 244 -43.94 20.06 12.42
C LEU C 244 -43.04 20.05 13.66
N MET C 245 -42.46 21.20 13.99
CA MET C 245 -41.62 21.30 15.17
C MET C 245 -42.46 21.32 16.44
N GLU C 246 -43.77 21.15 16.27
CA GLU C 246 -44.67 20.82 17.35
C GLU C 246 -44.56 19.33 17.64
N GLN C 247 -44.00 18.59 16.69
CA GLN C 247 -43.95 17.14 16.74
C GLN C 247 -42.54 16.64 16.99
N LEU C 248 -41.57 17.54 16.94
CA LEU C 248 -40.19 17.19 17.28
C LEU C 248 -39.84 17.74 18.66
N ARG C 249 -40.63 18.71 19.13
CA ARG C 249 -40.56 19.20 20.50
C ARG C 249 -41.16 18.15 21.42
N GLY C 250 -42.15 17.42 20.91
CA GLY C 250 -42.77 16.31 21.63
C GLY C 250 -41.87 15.10 21.70
N GLU C 251 -40.60 15.30 21.36
CA GLU C 251 -39.57 14.29 21.52
C GLU C 251 -38.63 14.72 22.64
N ALA C 252 -38.86 15.92 23.16
CA ALA C 252 -38.44 16.24 24.53
C ALA C 252 -39.49 15.62 25.44
N LEU C 253 -40.59 15.19 24.80
CA LEU C 253 -41.64 14.40 25.44
C LEU C 253 -41.57 12.94 24.96
N LYS C 254 -40.34 12.42 24.83
CA LYS C 254 -40.11 11.01 24.45
C LYS C 254 -38.65 10.56 24.63
N PHE C 255 -37.72 11.39 24.18
CA PHE C 255 -36.31 11.03 24.16
C PHE C 255 -35.54 11.43 25.43
N HIS C 256 -34.30 11.84 25.19
CA HIS C 256 -33.38 12.21 26.26
C HIS C 256 -32.77 13.56 25.93
N LYS C 257 -32.79 14.45 26.93
CA LYS C 257 -32.34 15.84 26.78
C LYS C 257 -30.80 15.92 26.62
N PRO C 258 -30.26 17.13 26.34
CA PRO C 258 -28.81 17.35 26.35
C PRO C 258 -28.04 16.53 27.39
N GLY C 259 -27.16 15.65 26.92
CA GLY C 259 -26.49 14.72 27.81
C GLY C 259 -27.25 13.40 27.90
N GLU C 260 -27.65 13.04 29.12
CA GLU C 260 -28.36 11.79 29.39
C GLU C 260 -27.62 10.59 28.79
N ASN C 261 -27.97 10.25 27.55
CA ASN C 261 -27.27 9.22 26.77
C ASN C 261 -27.29 7.82 27.38
N TYR C 262 -26.96 7.72 28.67
CA TYR C 262 -26.94 6.45 29.37
C TYR C 262 -28.34 5.95 29.72
N LYS C 263 -29.34 6.79 29.52
CA LYS C 263 -30.67 6.54 30.06
C LYS C 263 -31.41 5.38 29.37
N THR C 264 -31.50 5.42 28.04
CA THR C 264 -32.46 4.56 27.34
C THR C 264 -31.90 3.46 26.42
N PRO C 265 -31.02 3.81 25.46
CA PRO C 265 -30.81 2.93 24.30
C PRO C 265 -30.10 1.60 24.60
N GLY C 266 -29.01 1.35 23.87
CA GLY C 266 -28.17 0.21 24.14
C GLY C 266 -27.09 0.65 25.11
N TYR C 267 -27.52 1.21 26.23
CA TYR C 267 -26.65 1.86 27.19
C TYR C 267 -25.48 0.99 27.63
N VAL C 268 -24.33 1.63 27.80
CA VAL C 268 -23.08 0.94 28.16
C VAL C 268 -22.31 1.72 29.23
N VAL C 269 -21.92 1.04 30.32
CA VAL C 269 -21.23 1.70 31.43
C VAL C 269 -19.78 1.23 31.61
N THR C 270 -18.83 2.11 31.28
CA THR C 270 -17.40 1.85 31.49
C THR C 270 -16.81 3.01 32.30
N PRO C 271 -15.50 2.94 32.63
CA PRO C 271 -14.90 4.18 33.16
C PRO C 271 -14.88 5.31 32.13
N HIS C 272 -16.08 5.73 31.70
CA HIS C 272 -16.25 6.76 30.68
C HIS C 272 -17.59 7.43 30.86
N THR C 273 -18.60 6.65 31.23
CA THR C 273 -19.99 7.11 31.27
C THR C 273 -20.17 8.43 32.01
N MET C 274 -19.70 8.49 33.24
CA MET C 274 -19.90 9.68 34.06
C MET C 274 -18.78 10.70 33.89
N ASN C 275 -17.66 10.28 33.29
CA ASN C 275 -16.52 11.17 33.20
C ASN C 275 -16.11 11.53 31.77
N LEU C 276 -16.71 10.88 30.78
CA LEU C 276 -16.51 11.27 29.38
C LEU C 276 -17.74 12.01 28.87
N LEU C 277 -18.88 11.75 29.49
CA LEU C 277 -20.08 12.51 29.18
C LEU C 277 -20.02 13.86 29.90
N LYS C 278 -19.22 13.93 30.96
CA LYS C 278 -18.96 15.20 31.63
C LYS C 278 -18.24 16.15 30.67
N GLN C 279 -17.38 15.58 29.84
CA GLN C 279 -16.67 16.34 28.82
C GLN C 279 -17.54 16.62 27.61
N HIS C 280 -18.53 15.75 27.37
CA HIS C 280 -19.48 15.97 26.29
C HIS C 280 -20.27 17.26 26.52
N LEU C 281 -20.75 17.43 27.75
CA LEU C 281 -21.48 18.63 28.14
C LEU C 281 -20.53 19.79 28.40
N GLU C 282 -19.24 19.50 28.42
CA GLU C 282 -18.22 20.50 28.67
C GLU C 282 -17.70 21.06 27.34
N ILE C 283 -18.28 20.58 26.25
CA ILE C 283 -17.90 21.04 24.91
C ILE C 283 -19.10 21.55 24.13
N THR C 284 -20.18 20.78 24.14
CA THR C 284 -21.41 21.18 23.47
C THR C 284 -22.17 22.16 24.35
N GLY C 285 -22.24 21.84 25.64
CA GLY C 285 -23.04 22.58 26.59
C GLY C 285 -24.41 21.94 26.67
N GLY C 286 -24.53 20.81 25.98
CA GLY C 286 -25.81 20.16 25.76
C GLY C 286 -26.19 20.28 24.31
N GLN C 287 -27.03 21.28 24.01
CA GLN C 287 -27.23 21.77 22.65
C GLN C 287 -27.58 20.68 21.63
N VAL C 288 -28.09 19.55 22.13
CA VAL C 288 -28.45 18.35 21.32
C VAL C 288 -28.05 18.36 19.83
N ARG C 289 -26.84 17.93 19.53
CA ARG C 289 -26.34 17.98 18.16
C ARG C 289 -26.71 16.72 17.36
N THR C 290 -27.21 16.92 16.15
CA THR C 290 -27.48 15.82 15.22
C THR C 290 -26.69 16.04 13.94
N ARG C 291 -26.95 15.23 12.92
CA ARG C 291 -26.31 15.44 11.62
C ARG C 291 -27.07 14.77 10.48
N PHE C 292 -27.02 15.39 9.31
CA PHE C 292 -27.54 14.80 8.08
C PHE C 292 -26.40 14.61 7.09
N PRO C 293 -25.96 13.36 6.89
CA PRO C 293 -24.74 13.09 6.14
C PRO C 293 -24.90 12.27 4.84
N PRO C 294 -25.09 12.95 3.70
CA PRO C 294 -25.14 12.27 2.40
C PRO C 294 -23.80 12.24 1.69
N GLU C 295 -23.80 11.98 0.38
CA GLU C 295 -22.57 11.91 -0.40
C GLU C 295 -22.62 12.86 -1.61
N PRO C 296 -21.44 13.28 -2.12
CA PRO C 296 -21.39 14.11 -3.34
C PRO C 296 -21.81 13.33 -4.58
N ASN C 297 -22.01 12.03 -4.38
CA ASN C 297 -22.65 11.18 -5.37
C ASN C 297 -24.16 11.33 -5.30
N GLY C 298 -24.65 11.65 -4.10
CA GLY C 298 -26.07 11.69 -3.79
C GLY C 298 -26.98 12.47 -4.72
N ILE C 299 -28.22 12.02 -4.81
CA ILE C 299 -29.21 12.61 -5.72
C ILE C 299 -30.40 13.21 -4.97
N LEU C 300 -30.61 12.74 -3.73
CA LEU C 300 -31.66 13.25 -2.85
C LEU C 300 -33.06 13.19 -3.47
N HIS C 301 -33.81 12.16 -3.11
CA HIS C 301 -35.17 12.06 -3.56
C HIS C 301 -36.09 12.30 -2.37
N ILE C 302 -37.33 12.66 -2.68
CA ILE C 302 -38.37 13.00 -1.71
C ILE C 302 -38.29 12.25 -0.37
N GLY C 303 -37.93 10.97 -0.40
CA GLY C 303 -37.79 10.20 0.82
C GLY C 303 -36.63 10.66 1.71
N HIS C 304 -35.73 11.44 1.11
CA HIS C 304 -34.61 12.02 1.87
C HIS C 304 -35.07 13.26 2.61
N ALA C 305 -36.30 13.71 2.32
CA ALA C 305 -36.86 14.86 3.01
C ALA C 305 -37.39 14.44 4.37
N LYS C 306 -37.69 13.16 4.54
CA LYS C 306 -38.01 12.63 5.86
C LYS C 306 -36.73 12.58 6.69
N ALA C 307 -35.60 12.44 6.01
CA ALA C 307 -34.30 12.47 6.67
C ALA C 307 -33.93 13.90 7.04
N ILE C 308 -34.08 14.82 6.08
CA ILE C 308 -33.69 16.21 6.30
C ILE C 308 -34.58 16.90 7.34
N ASN C 309 -35.89 16.71 7.22
CA ASN C 309 -36.83 17.30 8.17
C ASN C 309 -36.60 16.80 9.60
N PHE C 310 -36.04 15.60 9.70
CA PHE C 310 -35.84 14.95 11.00
C PHE C 310 -34.68 15.55 11.77
N ASN C 311 -33.51 15.54 11.14
CA ASN C 311 -32.28 15.99 11.77
C ASN C 311 -32.24 17.50 11.96
N PHE C 312 -32.27 18.24 10.85
CA PHE C 312 -32.27 19.70 10.90
C PHE C 312 -33.46 20.22 11.69
N GLY C 313 -34.48 19.38 11.84
CA GLY C 313 -35.69 19.74 12.55
C GLY C 313 -35.61 19.57 14.05
N TYR C 314 -35.15 18.40 14.50
CA TYR C 314 -35.04 18.13 15.93
C TYR C 314 -34.06 19.11 16.57
N ALA C 315 -32.99 19.41 15.84
CA ALA C 315 -32.06 20.44 16.25
C ALA C 315 -32.81 21.76 16.37
N LYS C 316 -33.46 22.17 15.27
CA LYS C 316 -34.18 23.44 15.23
C LYS C 316 -35.35 23.47 16.22
N ALA C 317 -35.95 22.31 16.46
CA ALA C 317 -37.06 22.24 17.41
C ALA C 317 -36.55 22.40 18.83
N ASN C 318 -35.72 21.46 19.27
CA ASN C 318 -35.22 21.45 20.64
C ASN C 318 -33.91 22.22 20.80
N ASN C 319 -33.82 23.37 20.14
CA ASN C 319 -32.70 24.30 20.26
C ASN C 319 -31.30 23.67 20.20
N GLY C 320 -31.02 22.95 19.12
CA GLY C 320 -29.71 22.39 18.89
C GLY C 320 -29.20 22.79 17.52
N ILE C 321 -28.13 22.15 17.08
CA ILE C 321 -27.59 22.38 15.74
C ILE C 321 -27.51 21.07 15.00
N CYS C 322 -27.18 21.13 13.72
CA CYS C 322 -27.11 19.92 12.91
C CYS C 322 -26.06 20.02 11.79
N PHE C 323 -25.18 19.03 11.73
CA PHE C 323 -24.08 19.01 10.76
C PHE C 323 -24.51 18.49 9.39
N LEU C 324 -24.38 19.32 8.36
CA LEU C 324 -24.35 18.78 7.01
C LEU C 324 -22.97 18.19 6.83
N ARG C 325 -22.90 16.86 6.86
CA ARG C 325 -21.61 16.17 6.79
C ARG C 325 -21.48 15.30 5.53
N PHE C 326 -20.76 15.81 4.52
CA PHE C 326 -20.58 15.07 3.28
C PHE C 326 -19.72 13.82 3.46
N ASP C 327 -20.31 12.67 3.16
CA ASP C 327 -19.66 11.37 3.31
C ASP C 327 -18.66 11.08 2.19
N ASP C 328 -17.38 11.38 2.42
CA ASP C 328 -16.34 11.05 1.44
C ASP C 328 -16.04 9.56 1.40
N THR C 329 -15.45 9.05 2.49
CA THR C 329 -14.94 7.69 2.55
C THR C 329 -14.18 7.39 1.26
N ASN C 330 -14.54 6.27 0.61
CA ASN C 330 -13.99 5.90 -0.71
C ASN C 330 -14.10 7.04 -1.72
N PRO C 331 -12.95 7.42 -2.33
CA PRO C 331 -12.90 8.54 -3.28
C PRO C 331 -13.77 8.30 -4.50
N GLU C 332 -14.65 9.24 -4.82
CA GLU C 332 -15.57 9.04 -5.94
C GLU C 332 -15.51 10.16 -6.98
N LYS C 333 -14.37 10.28 -7.65
CA LYS C 333 -14.21 11.16 -8.80
C LYS C 333 -14.50 12.63 -8.48
N GLU C 334 -15.65 13.13 -8.92
CA GLU C 334 -16.02 14.53 -8.71
C GLU C 334 -17.53 14.77 -8.65
N GLU C 335 -18.20 14.62 -9.80
CA GLU C 335 -19.61 14.98 -10.02
C GLU C 335 -20.05 16.25 -9.28
N ALA C 336 -19.91 17.40 -9.95
CA ALA C 336 -20.09 18.69 -9.29
C ALA C 336 -21.54 19.15 -9.22
N LYS C 337 -22.38 18.62 -10.10
CA LYS C 337 -23.78 19.05 -10.18
C LYS C 337 -24.58 18.66 -8.93
N PHE C 338 -24.17 17.57 -8.27
CA PHE C 338 -24.90 17.07 -7.10
C PHE C 338 -24.23 17.54 -5.81
N PHE C 339 -22.96 17.85 -5.92
CA PHE C 339 -22.22 18.54 -4.86
C PHE C 339 -22.97 19.82 -4.49
N THR C 340 -23.48 20.53 -5.51
CA THR C 340 -24.24 21.75 -5.30
C THR C 340 -25.73 21.47 -5.14
N ALA C 341 -26.22 20.44 -5.82
CA ALA C 341 -27.63 20.06 -5.71
C ALA C 341 -28.03 19.87 -4.25
N ILE C 342 -27.15 19.23 -3.49
CA ILE C 342 -27.41 19.00 -2.08
C ILE C 342 -27.49 20.32 -1.31
N CYS C 343 -26.42 21.10 -1.39
CA CYS C 343 -26.33 22.36 -0.66
C CYS C 343 -27.52 23.27 -1.02
N ASP C 344 -27.91 23.23 -2.29
CA ASP C 344 -29.06 23.97 -2.80
C ASP C 344 -30.34 23.49 -2.13
N MET C 345 -30.58 22.18 -2.21
CA MET C 345 -31.82 21.61 -1.72
C MET C 345 -31.97 21.76 -0.21
N VAL C 346 -30.86 21.65 0.52
CA VAL C 346 -30.86 21.84 1.97
C VAL C 346 -31.46 23.19 2.32
N ALA C 347 -31.07 24.21 1.57
CA ALA C 347 -31.55 25.56 1.82
C ALA C 347 -32.93 25.79 1.21
N TRP C 348 -33.27 25.05 0.17
CA TRP C 348 -34.57 25.18 -0.47
C TRP C 348 -35.68 24.88 0.53
N LEU C 349 -35.41 23.96 1.45
CA LEU C 349 -36.39 23.63 2.48
C LEU C 349 -36.35 24.67 3.60
N GLY C 350 -35.20 25.31 3.79
CA GLY C 350 -35.13 26.44 4.70
C GLY C 350 -34.17 26.31 5.87
N TYR C 351 -33.35 25.27 5.88
CA TYR C 351 -32.41 25.05 6.97
C TYR C 351 -31.00 25.49 6.62
N THR C 352 -30.42 26.33 7.47
CA THR C 352 -29.00 26.64 7.37
C THR C 352 -28.22 25.67 8.25
N PRO C 353 -27.47 24.76 7.61
CA PRO C 353 -26.67 23.79 8.37
C PRO C 353 -25.64 24.51 9.21
N TYR C 354 -25.54 24.14 10.49
CA TYR C 354 -24.60 24.77 11.41
C TYR C 354 -23.18 24.80 10.86
N LYS C 355 -22.71 23.64 10.39
CA LYS C 355 -21.42 23.52 9.75
C LYS C 355 -21.54 22.63 8.51
N VAL C 356 -20.64 22.83 7.56
CA VAL C 356 -20.49 21.87 6.47
C VAL C 356 -19.16 21.14 6.58
N THR C 357 -19.21 19.83 6.77
CA THR C 357 -17.99 19.04 6.91
C THR C 357 -17.96 17.90 5.91
N TYR C 358 -16.75 17.46 5.58
CA TYR C 358 -16.56 16.28 4.77
C TYR C 358 -16.01 15.19 5.67
N ALA C 359 -16.16 13.94 5.26
CA ALA C 359 -15.66 12.83 6.05
C ALA C 359 -14.13 12.84 6.08
N SER C 360 -13.54 13.26 4.97
CA SER C 360 -12.09 13.29 4.80
C SER C 360 -11.37 14.25 5.74
N ASP C 361 -12.12 15.19 6.32
CA ASP C 361 -11.56 16.17 7.25
C ASP C 361 -10.88 15.49 8.44
N TYR C 362 -11.36 14.29 8.78
CA TYR C 362 -10.91 13.60 9.97
C TYR C 362 -10.15 12.33 9.67
N PHE C 363 -9.44 12.29 8.54
CA PHE C 363 -8.69 11.09 8.19
C PHE C 363 -7.49 10.87 9.10
N ASP C 364 -7.06 11.91 9.80
CA ASP C 364 -5.88 11.81 10.64
C ASP C 364 -6.20 11.11 11.96
N GLN C 365 -7.30 11.53 12.62
CA GLN C 365 -7.69 10.95 13.90
C GLN C 365 -8.46 9.65 13.70
N LEU C 366 -8.95 9.39 12.49
CA LEU C 366 -9.54 8.10 12.18
C LEU C 366 -8.43 7.06 12.02
N TYR C 367 -7.31 7.50 11.47
CA TYR C 367 -6.11 6.68 11.36
C TYR C 367 -5.46 6.53 12.71
N ALA C 368 -5.41 7.62 13.45
CA ALA C 368 -4.84 7.61 14.78
C ALA C 368 -5.57 6.62 15.69
N TRP C 369 -6.90 6.61 15.60
CA TRP C 369 -7.70 5.72 16.43
C TRP C 369 -7.68 4.31 15.85
N ALA C 370 -7.32 4.21 14.58
CA ALA C 370 -7.12 2.91 13.94
C ALA C 370 -5.85 2.27 14.46
N VAL C 371 -4.80 3.08 14.62
CA VAL C 371 -3.54 2.62 15.20
C VAL C 371 -3.79 2.17 16.63
N GLU C 372 -4.67 2.88 17.33
CA GLU C 372 -5.00 2.56 18.70
C GLU C 372 -5.81 1.27 18.77
N LEU C 373 -6.61 1.01 17.74
CA LEU C 373 -7.46 -0.17 17.71
C LEU C 373 -6.68 -1.45 17.48
N ILE C 374 -5.56 -1.36 16.77
CA ILE C 374 -4.76 -2.55 16.52
C ILE C 374 -3.98 -2.93 17.77
N ARG C 375 -3.57 -1.91 18.53
CA ARG C 375 -2.83 -2.11 19.77
C ARG C 375 -3.72 -2.59 20.91
N ARG C 376 -4.95 -2.06 20.98
CA ARG C 376 -5.91 -2.46 22.00
C ARG C 376 -6.53 -3.83 21.72
N GLY C 377 -6.13 -4.44 20.60
CA GLY C 377 -6.73 -5.68 20.16
C GLY C 377 -8.04 -5.35 19.47
N LEU C 378 -8.71 -6.39 18.98
CA LEU C 378 -9.97 -6.27 18.22
C LEU C 378 -9.73 -5.65 16.86
N ALA C 379 -8.50 -5.75 16.37
CA ALA C 379 -8.13 -5.24 15.05
C ALA C 379 -6.89 -5.96 14.51
N TYR C 380 -7.08 -6.74 13.46
CA TYR C 380 -6.00 -7.53 12.87
C TYR C 380 -5.90 -7.25 11.37
N VAL C 381 -4.79 -7.65 10.76
CA VAL C 381 -4.63 -7.59 9.30
C VAL C 381 -4.87 -8.98 8.67
N CYS C 382 -5.93 -9.13 7.88
CA CYS C 382 -6.22 -10.40 7.22
C CYS C 382 -6.27 -10.25 5.70
N HIS C 383 -6.61 -11.34 5.02
CA HIS C 383 -6.69 -11.34 3.56
C HIS C 383 -7.99 -11.95 3.06
N GLN C 384 -7.94 -13.22 2.65
CA GLN C 384 -9.10 -13.91 2.10
C GLN C 384 -9.73 -13.11 0.95
N ARG C 385 -10.66 -12.22 1.30
CA ARG C 385 -11.35 -11.34 0.35
C ARG C 385 -10.39 -10.75 -0.68
N GLY C 386 -10.68 -10.93 -1.96
CA GLY C 386 -11.94 -11.51 -2.42
C GLY C 386 -12.04 -13.01 -2.59
N GLU C 387 -11.54 -13.76 -1.61
CA GLU C 387 -11.88 -15.17 -1.49
C GLU C 387 -13.18 -15.28 -0.71
N GLU C 388 -14.15 -14.48 -1.15
CA GLU C 388 -15.47 -14.34 -0.51
C GLU C 388 -15.38 -13.69 0.87
N LEU C 389 -16.02 -12.53 1.00
CA LEU C 389 -16.05 -11.81 2.27
C LEU C 389 -16.99 -12.51 3.25
N LYS C 390 -17.88 -13.35 2.72
CA LYS C 390 -18.84 -14.09 3.53
C LYS C 390 -18.18 -15.31 4.19
N LEU C 395 -15.36 -16.52 3.32
CA LEU C 395 -15.92 -17.85 3.57
C LEU C 395 -15.71 -18.32 5.02
N PRO C 396 -14.48 -18.18 5.56
CA PRO C 396 -14.33 -18.54 6.98
C PRO C 396 -13.97 -17.35 7.87
N SER C 397 -13.04 -17.57 8.80
CA SER C 397 -12.56 -16.52 9.69
C SER C 397 -11.11 -16.81 10.12
N PRO C 398 -10.14 -16.40 9.30
CA PRO C 398 -8.72 -16.65 9.54
C PRO C 398 -7.99 -15.47 10.20
N TRP C 399 -6.77 -15.72 10.66
CA TRP C 399 -5.87 -14.66 11.15
C TRP C 399 -6.45 -13.84 12.31
N ARG C 400 -7.33 -14.46 13.08
CA ARG C 400 -8.06 -13.79 14.16
C ARG C 400 -7.13 -13.18 15.21
N ASP C 401 -6.66 -14.03 16.11
CA ASP C 401 -5.83 -13.62 17.23
C ASP C 401 -4.34 -13.63 16.85
N ARG C 402 -4.03 -12.97 15.73
CA ARG C 402 -2.66 -12.86 15.26
C ARG C 402 -1.82 -11.98 16.18
N PRO C 403 -0.48 -12.04 16.05
CA PRO C 403 0.41 -11.11 16.76
C PRO C 403 0.05 -9.65 16.52
N MET C 404 0.07 -8.85 17.58
CA MET C 404 -0.34 -7.46 17.53
C MET C 404 0.57 -6.61 16.64
N GLU C 405 1.86 -6.63 16.95
CA GLU C 405 2.85 -5.82 16.25
C GLU C 405 2.95 -6.15 14.76
N GLU C 406 2.66 -7.40 14.41
CA GLU C 406 2.65 -7.80 13.00
C GLU C 406 1.57 -7.03 12.26
N SER C 407 0.38 -6.94 12.85
CA SER C 407 -0.70 -6.19 12.25
C SER C 407 -0.45 -4.68 12.36
N LEU C 408 0.49 -4.30 13.21
CA LEU C 408 0.82 -2.88 13.39
C LEU C 408 1.75 -2.38 12.29
N LEU C 409 2.80 -3.14 12.03
CA LEU C 409 3.77 -2.76 11.01
C LEU C 409 3.19 -2.98 9.62
N LEU C 410 2.27 -3.92 9.51
CA LEU C 410 1.60 -4.15 8.23
C LEU C 410 0.64 -3.03 7.91
N PHE C 411 -0.05 -2.52 8.93
CA PHE C 411 -0.96 -1.39 8.74
C PHE C 411 -0.15 -0.14 8.41
N GLU C 412 1.01 -0.02 9.03
CA GLU C 412 1.94 1.06 8.71
C GLU C 412 2.50 0.89 7.30
N ALA C 413 2.71 -0.35 6.88
CA ALA C 413 3.15 -0.61 5.52
C ALA C 413 2.03 -0.32 4.54
N MET C 414 0.80 -0.67 4.94
CA MET C 414 -0.37 -0.58 4.07
C MET C 414 -0.54 0.79 3.46
N ARG C 415 -0.18 1.81 4.23
CA ARG C 415 -0.38 3.19 3.81
C ARG C 415 0.85 3.79 3.16
N LYS C 416 2.03 3.30 3.55
CA LYS C 416 3.27 3.84 3.03
C LYS C 416 3.49 3.41 1.58
N GLY C 417 2.64 2.52 1.09
CA GLY C 417 2.68 2.09 -0.30
C GLY C 417 3.37 0.75 -0.51
N LYS C 418 3.64 0.05 0.59
CA LYS C 418 4.30 -1.25 0.55
C LYS C 418 3.31 -2.36 0.18
N PHE C 419 2.22 -2.03 -0.51
CA PHE C 419 1.27 -3.07 -0.90
C PHE C 419 0.77 -2.93 -2.33
N SER C 420 -0.04 -3.89 -2.76
CA SER C 420 -0.52 -3.93 -4.14
C SER C 420 -2.04 -3.81 -4.20
N GLU C 421 -2.53 -2.63 -3.81
CA GLU C 421 -3.94 -2.20 -3.88
C GLU C 421 -5.02 -3.21 -3.49
N GLY C 422 -4.63 -4.47 -3.32
CA GLY C 422 -5.58 -5.51 -2.97
C GLY C 422 -5.11 -6.31 -1.78
N GLU C 423 -3.82 -6.65 -1.76
CA GLU C 423 -3.25 -7.50 -0.71
C GLU C 423 -3.49 -6.92 0.67
N ALA C 424 -4.09 -7.73 1.55
CA ALA C 424 -4.32 -7.37 2.94
C ALA C 424 -5.24 -6.16 3.17
N THR C 425 -6.22 -6.34 4.05
CA THR C 425 -7.05 -5.25 4.52
C THR C 425 -6.78 -5.06 6.00
N LEU C 426 -7.57 -4.23 6.66
CA LEU C 426 -7.53 -4.15 8.12
C LEU C 426 -8.93 -4.32 8.66
N ARG C 427 -9.15 -5.43 9.35
CA ARG C 427 -10.48 -5.77 9.85
C ARG C 427 -10.53 -5.60 11.35
N MET C 428 -11.69 -5.89 11.92
CA MET C 428 -11.84 -5.95 13.38
C MET C 428 -12.13 -7.39 13.81
N LYS C 429 -11.92 -7.68 15.08
CA LYS C 429 -12.39 -8.96 15.62
C LYS C 429 -13.89 -8.85 15.84
N LEU C 430 -14.63 -8.90 14.74
CA LEU C 430 -16.05 -8.56 14.72
C LEU C 430 -16.93 -9.80 14.83
N VAL C 431 -18.12 -9.64 15.42
CA VAL C 431 -19.04 -10.76 15.59
C VAL C 431 -20.47 -10.42 15.11
N MET C 432 -21.16 -9.51 15.80
CA MET C 432 -22.56 -9.21 15.54
C MET C 432 -23.43 -10.48 15.45
N GLY C 435 -25.56 -10.92 12.81
CA GLY C 435 -24.88 -10.65 11.56
C GLY C 435 -24.10 -11.86 11.07
N LYS C 436 -23.11 -11.62 10.23
CA LYS C 436 -22.26 -12.69 9.70
C LYS C 436 -20.77 -12.33 9.81
N MET C 437 -20.43 -11.63 10.88
CA MET C 437 -19.05 -11.21 11.22
C MET C 437 -18.13 -10.91 10.04
N ASP C 438 -18.57 -10.02 9.15
CA ASP C 438 -17.73 -9.55 8.04
C ASP C 438 -17.13 -8.16 8.36
N PRO C 439 -15.89 -8.13 8.86
CA PRO C 439 -15.23 -6.90 9.30
C PRO C 439 -14.31 -6.29 8.26
N VAL C 440 -14.57 -5.04 7.88
CA VAL C 440 -13.64 -4.32 7.01
C VAL C 440 -13.54 -2.87 7.46
N ALA C 441 -12.49 -2.55 8.23
CA ALA C 441 -12.34 -1.21 8.78
C ALA C 441 -11.56 -0.30 7.85
N TYR C 442 -10.44 -0.80 7.33
CA TYR C 442 -9.60 -0.03 6.44
C TYR C 442 -9.20 -0.86 5.24
N ARG C 443 -9.58 -0.43 4.04
CA ARG C 443 -9.14 -1.09 2.81
C ARG C 443 -7.95 -0.34 2.23
N VAL C 444 -7.54 -0.69 1.02
CA VAL C 444 -6.42 -0.02 0.37
C VAL C 444 -6.77 0.23 -1.10
N LYS C 445 -6.65 1.49 -1.54
CA LYS C 445 -7.13 1.89 -2.86
C LYS C 445 -6.01 2.22 -3.84
N TYR C 446 -5.36 3.38 -3.63
CA TYR C 446 -4.36 4.01 -4.52
C TYR C 446 -5.03 4.96 -5.52
N THR C 447 -6.05 5.67 -5.04
CA THR C 447 -6.81 6.60 -5.87
C THR C 447 -6.86 8.00 -5.27
N PRO C 448 -6.63 9.04 -6.08
CA PRO C 448 -6.75 10.47 -5.69
C PRO C 448 -8.03 10.77 -4.90
N HIS C 449 -8.04 11.83 -4.09
CA HIS C 449 -9.25 12.19 -3.35
C HIS C 449 -9.73 13.59 -3.74
N HIS C 450 -10.96 13.93 -3.37
CA HIS C 450 -11.51 15.24 -3.67
C HIS C 450 -10.93 16.29 -2.73
N ARG C 451 -11.05 16.04 -1.42
CA ARG C 451 -10.63 16.98 -0.40
C ARG C 451 -9.15 16.87 -0.04
N THR C 452 -8.71 15.66 0.30
CA THR C 452 -7.29 15.43 0.57
C THR C 452 -6.64 14.59 -0.53
N GLY C 453 -6.52 15.16 -1.73
CA GLY C 453 -5.98 14.47 -2.88
C GLY C 453 -4.52 14.09 -2.70
N ASP C 454 -4.09 13.05 -3.43
CA ASP C 454 -2.77 12.43 -3.27
C ASP C 454 -2.55 12.04 -1.81
N LYS C 455 -1.28 11.95 -1.40
CA LYS C 455 -0.92 11.77 0.01
C LYS C 455 -1.49 10.49 0.66
N TRP C 456 -2.71 10.11 0.26
CA TRP C 456 -3.43 9.02 0.90
C TRP C 456 -3.69 7.85 -0.05
N CYS C 457 -3.56 6.63 0.48
CA CYS C 457 -3.93 5.41 -0.27
C CYS C 457 -4.50 4.30 0.62
N ILE C 458 -4.71 4.60 1.91
CA ILE C 458 -5.58 3.76 2.74
C ILE C 458 -6.84 4.54 3.10
N TYR C 459 -7.99 3.95 2.82
CA TYR C 459 -9.26 4.63 3.04
C TYR C 459 -10.27 3.72 3.76
N PRO C 460 -10.86 4.21 4.87
CA PRO C 460 -11.81 3.43 5.68
C PRO C 460 -13.12 3.09 4.95
N THR C 461 -14.14 2.66 5.70
CA THR C 461 -15.43 2.29 5.12
C THR C 461 -16.59 2.80 5.97
N TYR C 462 -17.70 3.12 5.29
CA TYR C 462 -18.96 3.60 5.89
C TYR C 462 -19.20 3.14 7.33
N ASP C 463 -18.96 1.86 7.59
CA ASP C 463 -19.15 1.29 8.93
C ASP C 463 -18.20 1.90 9.93
N TYR C 464 -16.91 1.88 9.59
CA TYR C 464 -15.89 2.46 10.45
C TYR C 464 -15.98 3.98 10.47
N THR C 465 -16.10 4.59 9.29
CA THR C 465 -16.13 6.04 9.18
C THR C 465 -17.31 6.67 9.89
N HIS C 466 -18.52 6.23 9.55
CA HIS C 466 -19.71 6.91 10.03
C HIS C 466 -20.21 6.41 11.37
N CYS C 467 -19.31 5.83 12.16
CA CYS C 467 -19.60 5.56 13.56
C CYS C 467 -18.87 6.56 14.44
N LEU C 468 -17.55 6.67 14.22
CA LEU C 468 -16.69 7.53 15.02
C LEU C 468 -16.96 9.01 14.82
N CYS C 469 -17.32 9.39 13.60
CA CYS C 469 -17.55 10.79 13.29
C CYS C 469 -18.75 11.32 14.06
N ASP C 470 -19.70 10.44 14.36
CA ASP C 470 -20.79 10.79 15.26
C ASP C 470 -20.22 11.18 16.61
N SER C 471 -19.23 10.42 17.07
CA SER C 471 -18.51 10.76 18.29
C SER C 471 -17.73 12.04 18.06
N ILE C 472 -16.70 11.95 17.23
CA ILE C 472 -15.81 13.08 16.90
C ILE C 472 -16.46 14.46 17.00
N GLU C 473 -17.53 14.65 16.26
CA GLU C 473 -18.20 15.94 16.19
C GLU C 473 -19.22 16.14 17.31
N HIS C 474 -19.23 15.21 18.26
CA HIS C 474 -20.18 15.23 19.38
C HIS C 474 -21.62 15.26 18.94
N ILE C 475 -22.17 14.08 18.69
CA ILE C 475 -23.57 13.95 18.35
C ILE C 475 -24.31 13.23 19.48
N THR C 476 -25.51 13.70 19.81
CA THR C 476 -26.33 13.08 20.86
C THR C 476 -27.60 12.44 20.33
N HIS C 477 -27.67 12.17 19.03
CA HIS C 477 -28.82 11.46 18.47
C HIS C 477 -28.51 10.59 17.25
N SER C 478 -27.98 11.19 16.18
CA SER C 478 -27.51 10.41 15.03
C SER C 478 -28.60 9.52 14.41
N LEU C 479 -29.44 10.10 13.55
CA LEU C 479 -30.62 9.39 13.09
C LEU C 479 -30.40 8.59 11.81
N CYS C 480 -30.32 7.27 11.94
CA CYS C 480 -30.11 6.38 10.81
C CYS C 480 -31.41 5.97 10.14
N THR C 481 -31.36 5.73 8.84
CA THR C 481 -32.53 5.20 8.12
C THR C 481 -32.74 3.75 8.52
N LYS C 482 -33.53 3.00 7.74
CA LYS C 482 -33.87 1.64 8.16
C LYS C 482 -33.26 0.52 7.32
N GLU C 483 -32.00 0.72 6.91
CA GLU C 483 -31.18 -0.38 6.42
C GLU C 483 -30.22 -0.74 7.54
N PHE C 484 -30.24 0.11 8.57
CA PHE C 484 -29.33 0.00 9.69
C PHE C 484 -30.07 -0.56 10.90
N GLN C 485 -30.43 -1.84 10.79
CA GLN C 485 -31.14 -2.56 11.86
C GLN C 485 -30.26 -3.63 12.48
N ALA C 486 -29.74 -4.53 11.65
CA ALA C 486 -28.77 -5.52 12.10
C ALA C 486 -27.38 -4.89 12.11
N ARG C 487 -27.30 -3.64 12.57
CA ARG C 487 -26.06 -2.88 12.63
C ARG C 487 -26.00 -2.01 13.89
N ARG C 488 -26.92 -2.23 14.81
CA ARG C 488 -26.97 -1.50 16.07
C ARG C 488 -25.79 -1.88 16.95
N SER C 489 -25.48 -3.17 16.94
CA SER C 489 -24.29 -3.66 17.60
C SER C 489 -23.04 -3.02 17.02
N SER C 490 -22.97 -2.96 15.69
CA SER C 490 -21.78 -2.50 15.00
C SER C 490 -21.41 -1.05 15.32
N TYR C 491 -22.42 -0.21 15.55
CA TYR C 491 -22.18 1.21 15.81
C TYR C 491 -21.73 1.47 17.26
N PHE C 492 -22.34 0.79 18.22
CA PHE C 492 -21.99 0.98 19.62
C PHE C 492 -20.69 0.26 19.96
N TRP C 493 -20.12 -0.43 18.97
CA TRP C 493 -18.95 -1.28 19.15
C TRP C 493 -17.62 -0.52 19.05
N LEU C 494 -17.56 0.47 18.16
CA LEU C 494 -16.35 1.24 17.95
C LEU C 494 -16.14 2.23 19.09
N CYS C 495 -17.21 2.91 19.47
CA CYS C 495 -17.23 3.68 20.70
C CYS C 495 -17.02 2.70 21.84
N ASN C 496 -16.66 3.20 23.02
CA ASN C 496 -16.35 2.38 24.19
C ASN C 496 -15.11 1.49 23.98
N ALA C 497 -14.92 0.96 22.78
CA ALA C 497 -13.72 0.20 22.45
C ALA C 497 -12.54 1.13 22.30
N LEU C 498 -12.86 2.41 22.15
CA LEU C 498 -11.86 3.47 22.14
C LEU C 498 -12.22 4.48 23.22
N ASP C 499 -13.38 4.25 23.85
CA ASP C 499 -13.92 5.11 24.90
C ASP C 499 -14.20 6.51 24.38
N VAL C 500 -15.43 6.75 23.94
CA VAL C 500 -15.81 8.06 23.45
C VAL C 500 -17.25 8.41 23.79
N TYR C 501 -17.56 9.70 23.72
CA TYR C 501 -18.80 10.27 24.28
C TYR C 501 -20.09 9.80 23.61
N CYS C 502 -19.97 8.94 22.61
CA CYS C 502 -21.10 8.25 22.02
C CYS C 502 -22.10 9.15 21.29
N PRO C 503 -22.83 8.54 20.35
CA PRO C 503 -24.16 9.00 19.95
C PRO C 503 -25.21 8.16 20.70
N VAL C 504 -26.32 7.85 20.03
CA VAL C 504 -27.28 6.86 20.54
C VAL C 504 -27.92 6.11 19.37
N GLN C 505 -27.91 6.75 18.20
CA GLN C 505 -28.41 6.19 16.94
C GLN C 505 -29.84 5.65 17.01
N TRP C 506 -30.81 6.52 16.77
CA TRP C 506 -32.19 6.10 16.63
C TRP C 506 -32.51 5.89 15.16
N GLU C 507 -33.40 4.96 14.87
CA GLU C 507 -33.70 4.63 13.48
C GLU C 507 -35.09 5.10 13.09
N TYR C 508 -35.22 5.54 11.84
CA TYR C 508 -36.52 5.90 11.28
C TYR C 508 -36.82 5.01 10.09
N GLY C 509 -38.07 5.05 9.62
CA GLY C 509 -38.53 4.13 8.59
C GLY C 509 -38.23 4.56 7.17
N ARG C 510 -37.67 3.64 6.40
CA ARG C 510 -37.31 3.92 5.01
C ARG C 510 -38.54 4.28 4.17
N LEU C 511 -38.93 5.55 4.22
CA LEU C 511 -40.11 6.03 3.49
C LEU C 511 -39.78 6.41 2.06
N ASN C 512 -40.07 5.50 1.13
CA ASN C 512 -39.93 5.77 -0.29
C ASN C 512 -41.21 6.42 -0.81
N LEU C 513 -41.50 6.21 -2.09
CA LEU C 513 -42.78 6.63 -2.68
C LEU C 513 -43.06 5.81 -3.94
N HIS C 514 -44.35 5.60 -4.22
CA HIS C 514 -44.79 4.83 -5.38
C HIS C 514 -44.60 5.61 -6.66
N TYR C 515 -44.94 4.97 -7.79
CA TYR C 515 -44.89 5.63 -9.10
C TYR C 515 -43.52 6.26 -9.38
N ALA C 516 -42.50 5.82 -8.65
CA ALA C 516 -41.24 6.55 -8.65
C ALA C 516 -40.01 5.66 -8.89
N VAL C 517 -39.05 6.24 -9.60
CA VAL C 517 -37.69 5.70 -9.73
C VAL C 517 -36.69 6.85 -9.54
N VAL C 518 -35.66 6.63 -8.73
CA VAL C 518 -34.76 7.72 -8.36
C VAL C 518 -33.27 7.45 -8.53
N SER C 519 -32.89 6.18 -8.75
CA SER C 519 -31.47 5.83 -8.85
C SER C 519 -30.84 6.38 -10.14
N LYS C 520 -29.66 6.96 -10.02
CA LYS C 520 -29.05 7.69 -11.15
C LYS C 520 -28.64 6.75 -12.29
N ARG C 521 -28.39 5.49 -11.98
CA ARG C 521 -28.06 4.51 -13.01
C ARG C 521 -29.30 4.18 -13.84
N LYS C 522 -30.47 4.38 -13.24
CA LYS C 522 -31.77 4.18 -13.90
C LYS C 522 -32.30 5.49 -14.50
N ILE C 523 -31.87 6.61 -13.92
CA ILE C 523 -32.33 7.93 -14.35
C ILE C 523 -31.50 8.48 -15.50
N LEU C 524 -30.19 8.51 -15.30
CA LEU C 524 -29.27 8.97 -16.35
C LEU C 524 -29.40 8.07 -17.58
N GLN C 525 -30.00 6.90 -17.37
CA GLN C 525 -30.53 6.11 -18.47
C GLN C 525 -31.68 6.88 -19.12
N LEU C 526 -32.72 7.14 -18.33
CA LEU C 526 -33.93 7.80 -18.82
C LEU C 526 -33.66 9.16 -19.44
N VAL C 527 -32.58 9.79 -18.98
CA VAL C 527 -32.13 11.04 -19.55
C VAL C 527 -31.74 10.81 -21.00
N ALA C 528 -31.03 9.70 -21.24
CA ALA C 528 -30.45 9.39 -22.54
C ALA C 528 -31.40 8.63 -23.46
N THR C 529 -32.39 7.96 -22.88
CA THR C 529 -33.44 7.35 -23.69
C THR C 529 -34.20 8.47 -24.37
N GLY C 530 -34.80 9.34 -23.55
CA GLY C 530 -35.49 10.50 -24.04
C GLY C 530 -36.89 10.66 -23.49
N ALA C 531 -37.26 9.80 -22.55
CA ALA C 531 -38.57 9.90 -21.90
C ALA C 531 -38.63 11.17 -21.06
N VAL C 532 -37.50 11.56 -20.50
CA VAL C 532 -37.42 12.72 -19.63
C VAL C 532 -36.38 13.73 -20.09
N ARG C 533 -36.48 14.96 -19.61
CA ARG C 533 -35.51 16.00 -19.93
C ARG C 533 -34.21 15.76 -19.17
N ASP C 534 -34.12 16.35 -17.99
CA ASP C 534 -32.92 16.26 -17.14
C ASP C 534 -33.24 15.47 -15.87
N TRP C 535 -32.32 15.51 -14.90
CA TRP C 535 -32.55 14.86 -13.61
C TRP C 535 -33.46 15.74 -12.75
N ASP C 536 -33.73 16.95 -13.22
CA ASP C 536 -34.64 17.85 -12.52
C ASP C 536 -35.97 17.94 -13.26
N ASP C 537 -36.19 17.02 -14.18
CA ASP C 537 -37.46 16.93 -14.88
C ASP C 537 -38.57 16.60 -13.89
N PRO C 538 -39.68 17.35 -13.92
CA PRO C 538 -40.85 17.02 -13.10
C PRO C 538 -41.29 15.56 -13.26
N ARG C 539 -42.23 15.11 -12.42
CA ARG C 539 -42.76 13.73 -12.48
C ARG C 539 -41.67 12.67 -12.24
N LEU C 540 -40.50 13.12 -11.77
CA LEU C 540 -39.37 12.23 -11.48
C LEU C 540 -39.29 11.89 -10.00
N PHE C 541 -39.71 12.86 -9.17
CA PHE C 541 -39.73 12.80 -7.71
C PHE C 541 -38.36 12.96 -7.07
N THR C 542 -37.38 13.42 -7.83
CA THR C 542 -36.15 13.90 -7.24
C THR C 542 -36.43 15.29 -6.68
N LEU C 543 -35.79 15.62 -5.56
CA LEU C 543 -36.10 16.87 -4.87
C LEU C 543 -35.79 18.08 -5.75
N THR C 544 -34.75 17.97 -6.56
CA THR C 544 -34.36 19.06 -7.46
C THR C 544 -35.30 19.13 -8.66
N ALA C 545 -36.13 18.11 -8.81
CA ALA C 545 -37.10 18.06 -9.90
C ALA C 545 -38.43 18.65 -9.47
N LEU C 546 -38.84 18.31 -8.26
CA LEU C 546 -40.08 18.83 -7.72
C LEU C 546 -40.00 20.35 -7.60
N ARG C 547 -38.79 20.88 -7.40
CA ARG C 547 -38.59 22.32 -7.41
C ARG C 547 -38.97 22.86 -8.79
N ARG C 548 -38.42 22.24 -9.82
CA ARG C 548 -38.74 22.63 -11.19
C ARG C 548 -40.26 22.54 -11.43
N ARG C 549 -40.86 21.44 -10.97
CA ARG C 549 -42.29 21.17 -11.15
C ARG C 549 -43.19 22.17 -10.44
N GLY C 550 -42.62 23.01 -9.59
CA GLY C 550 -43.41 23.89 -8.76
C GLY C 550 -43.23 23.51 -7.30
N PHE C 551 -44.24 22.86 -6.74
CA PHE C 551 -44.15 22.20 -5.43
C PHE C 551 -43.41 23.01 -4.37
N PRO C 552 -44.11 23.92 -3.69
CA PRO C 552 -43.53 24.74 -2.62
C PRO C 552 -42.87 23.92 -1.51
N PRO C 553 -41.68 24.35 -1.04
CA PRO C 553 -40.94 23.65 0.01
C PRO C 553 -41.69 23.60 1.33
N GLU C 554 -42.69 24.46 1.48
CA GLU C 554 -43.58 24.37 2.63
C GLU C 554 -44.46 23.13 2.47
N ALA C 555 -44.90 22.89 1.23
CA ALA C 555 -45.81 21.80 0.94
C ALA C 555 -45.15 20.44 1.11
N ILE C 556 -43.83 20.39 0.95
CA ILE C 556 -43.11 19.14 1.11
C ILE C 556 -42.86 18.85 2.59
N ASN C 557 -42.62 19.91 3.35
CA ASN C 557 -42.44 19.79 4.79
C ASN C 557 -43.75 19.49 5.52
N ASN C 558 -44.81 20.17 5.14
CA ASN C 558 -46.11 19.93 5.76
C ASN C 558 -46.58 18.48 5.54
N PHE C 559 -46.20 17.92 4.39
CA PHE C 559 -46.49 16.52 4.08
C PHE C 559 -45.77 15.59 5.06
N CYS C 560 -44.59 16.00 5.49
CA CYS C 560 -43.77 15.19 6.40
C CYS C 560 -44.34 15.18 7.82
N ALA C 561 -44.90 16.31 8.23
CA ALA C 561 -45.49 16.42 9.58
C ALA C 561 -46.76 15.56 9.68
N ARG C 562 -47.31 15.20 8.53
CA ARG C 562 -48.55 14.45 8.47
C ARG C 562 -48.28 12.94 8.53
N VAL C 563 -47.38 12.46 7.67
CA VAL C 563 -47.08 11.03 7.59
C VAL C 563 -45.59 10.73 7.80
N GLY C 564 -45.10 10.85 9.03
CA GLY C 564 -43.70 10.59 9.30
C GLY C 564 -43.39 10.41 10.78
N VAL C 565 -42.33 11.09 11.24
CA VAL C 565 -41.86 11.12 12.64
C VAL C 565 -41.99 9.82 13.47
N THR C 566 -41.90 8.67 12.81
CA THR C 566 -41.92 7.40 13.53
C THR C 566 -40.93 6.41 12.90
N VAL C 567 -41.14 5.12 13.18
CA VAL C 567 -40.30 4.08 12.61
C VAL C 567 -41.07 3.33 11.52
N ALA C 568 -42.31 3.72 11.27
CA ALA C 568 -43.12 3.13 10.21
C ALA C 568 -42.81 3.76 8.85
N GLN C 569 -42.43 2.92 7.88
CA GLN C 569 -41.98 3.40 6.58
C GLN C 569 -43.11 3.48 5.57
N THR C 570 -44.14 4.27 5.86
CA THR C 570 -45.27 4.39 4.96
C THR C 570 -44.87 4.95 3.59
N THR C 571 -44.27 4.08 2.76
CA THR C 571 -43.99 4.40 1.37
C THR C 571 -45.31 4.69 0.65
N MET C 572 -45.68 5.96 0.55
CA MET C 572 -47.03 6.32 0.11
C MET C 572 -47.10 6.87 -1.31
N GLU C 573 -48.23 7.45 -1.68
CA GLU C 573 -48.54 7.77 -3.07
C GLU C 573 -48.48 9.26 -3.42
N PRO C 574 -48.28 9.58 -4.70
CA PRO C 574 -48.30 10.98 -5.12
C PRO C 574 -49.66 11.65 -4.92
N HIS C 575 -50.73 10.87 -4.93
CA HIS C 575 -52.08 11.41 -4.79
C HIS C 575 -52.26 12.13 -3.47
N LEU C 576 -51.73 11.55 -2.40
CA LEU C 576 -51.86 12.12 -1.06
C LEU C 576 -50.78 13.16 -0.81
N LEU C 577 -49.86 13.30 -1.76
CA LEU C 577 -48.83 14.33 -1.68
C LEU C 577 -49.18 15.48 -2.61
N GLU C 578 -49.72 15.16 -3.78
CA GLU C 578 -50.22 16.20 -4.66
C GLU C 578 -51.45 16.85 -4.05
N ALA C 579 -52.01 16.21 -3.03
CA ALA C 579 -53.15 16.75 -2.30
C ALA C 579 -52.68 17.60 -1.11
N CYS C 580 -51.38 17.56 -0.85
CA CYS C 580 -50.82 18.33 0.24
C CYS C 580 -50.24 19.65 -0.29
N VAL C 581 -49.94 19.66 -1.59
CA VAL C 581 -49.44 20.86 -2.26
C VAL C 581 -50.63 21.65 -2.79
N ARG C 582 -51.76 20.96 -2.97
CA ARG C 582 -53.02 21.62 -3.30
C ARG C 582 -53.42 22.55 -2.17
N ASP C 583 -53.00 22.19 -0.96
CA ASP C 583 -53.28 22.98 0.23
C ASP C 583 -52.55 24.32 0.22
N VAL C 584 -51.35 24.34 -0.36
CA VAL C 584 -50.45 25.49 -0.26
C VAL C 584 -50.55 26.45 -1.44
N LEU C 585 -50.51 25.89 -2.66
CA LEU C 585 -50.63 26.71 -3.86
C LEU C 585 -52.01 27.36 -3.93
N ASN C 586 -52.93 26.83 -3.13
CA ASN C 586 -54.28 27.41 -2.98
C ASN C 586 -54.21 28.84 -2.51
N ASP C 587 -53.37 29.09 -1.50
CA ASP C 587 -53.19 30.44 -0.98
C ASP C 587 -51.72 30.81 -0.74
N THR C 588 -50.84 30.43 -1.65
CA THR C 588 -49.51 31.00 -1.63
C THR C 588 -49.30 31.60 -3.00
N ALA C 589 -50.19 31.21 -3.90
CA ALA C 589 -50.10 31.63 -5.28
C ALA C 589 -51.43 32.24 -5.72
N PRO C 590 -51.36 33.42 -6.37
CA PRO C 590 -52.53 34.21 -6.79
C PRO C 590 -53.20 33.73 -8.08
N ARG C 591 -54.37 34.28 -8.38
CA ARG C 591 -55.12 33.94 -9.59
C ARG C 591 -54.60 34.77 -10.74
N ALA C 592 -54.87 34.33 -11.96
CA ALA C 592 -54.32 35.01 -13.12
C ALA C 592 -55.09 34.67 -14.39
N MET C 593 -55.37 33.38 -14.58
CA MET C 593 -56.15 32.85 -15.72
C MET C 593 -55.43 33.02 -17.07
N ALA C 594 -55.62 32.04 -17.95
CA ALA C 594 -54.97 32.03 -19.26
C ALA C 594 -55.71 31.12 -20.26
N VAL C 595 -55.36 31.22 -21.54
CA VAL C 595 -56.07 30.49 -22.59
C VAL C 595 -55.09 29.63 -23.39
N LEU C 596 -55.58 28.52 -23.96
CA LEU C 596 -54.73 27.58 -24.70
C LEU C 596 -55.17 27.34 -26.14
N GLU C 597 -56.44 26.99 -26.31
CA GLU C 597 -57.06 26.87 -27.63
C GLU C 597 -57.51 28.23 -28.16
N SER C 598 -56.56 29.17 -28.18
CA SER C 598 -56.81 30.57 -28.57
C SER C 598 -57.79 30.77 -29.72
N LEU C 599 -58.98 31.27 -29.37
CA LEU C 599 -60.01 31.54 -30.37
C LEU C 599 -60.35 33.02 -30.42
N ARG C 600 -60.00 33.64 -31.54
CA ARG C 600 -60.19 35.07 -31.74
C ARG C 600 -61.63 35.51 -31.56
N VAL C 601 -61.91 36.23 -30.48
CA VAL C 601 -63.25 36.78 -30.27
C VAL C 601 -63.21 38.30 -30.26
N ILE C 602 -63.94 38.91 -31.18
CA ILE C 602 -63.97 40.36 -31.28
C ILE C 602 -65.30 40.93 -30.77
N ILE C 603 -65.19 41.94 -29.92
CA ILE C 603 -66.36 42.56 -29.31
C ILE C 603 -66.67 43.89 -29.98
N THR C 604 -67.84 43.96 -30.60
CA THR C 604 -68.25 45.18 -31.31
C THR C 604 -68.59 46.33 -30.36
N ASN C 605 -69.74 46.24 -29.70
CA ASN C 605 -70.24 47.37 -28.92
C ASN C 605 -69.87 47.32 -27.44
N PHE C 606 -68.78 48.03 -27.12
CA PHE C 606 -68.31 48.24 -25.75
C PHE C 606 -67.66 49.62 -25.67
N PRO C 607 -67.72 50.28 -24.48
CA PRO C 607 -67.33 51.69 -24.32
C PRO C 607 -65.85 52.07 -24.57
N ALA C 608 -65.62 53.33 -24.92
CA ALA C 608 -64.28 53.95 -25.06
C ALA C 608 -63.41 53.36 -26.19
N ALA C 609 -62.09 53.42 -26.01
CA ALA C 609 -61.14 53.02 -27.05
C ALA C 609 -60.37 51.76 -26.67
N LYS C 610 -59.05 51.79 -26.89
CA LYS C 610 -58.19 50.66 -26.58
C LYS C 610 -58.14 50.40 -25.08
N SER C 611 -57.76 49.19 -24.71
CA SER C 611 -57.48 48.80 -23.32
C SER C 611 -58.69 48.84 -22.40
N LEU C 612 -58.75 49.87 -21.55
CA LEU C 612 -59.63 49.94 -20.39
C LEU C 612 -59.20 48.88 -19.37
N ASP C 613 -58.72 49.36 -18.22
CA ASP C 613 -57.93 48.55 -17.30
C ASP C 613 -58.66 47.33 -16.73
N ILE C 614 -59.65 47.57 -15.86
CA ILE C 614 -60.32 46.54 -15.04
C ILE C 614 -59.35 45.75 -14.16
N GLN C 615 -59.75 45.53 -12.90
CA GLN C 615 -58.85 44.90 -11.94
C GLN C 615 -59.36 43.54 -11.52
N VAL C 616 -58.42 42.60 -11.35
CA VAL C 616 -58.73 41.19 -11.07
C VAL C 616 -58.40 40.80 -9.63
N PRO C 617 -59.39 40.26 -8.92
CA PRO C 617 -59.20 39.60 -7.62
C PRO C 617 -58.10 38.53 -7.66
N ASN C 618 -56.85 38.95 -7.47
CA ASN C 618 -55.73 38.02 -7.49
C ASN C 618 -55.91 36.94 -6.43
N PHE C 619 -56.71 37.26 -5.43
CA PHE C 619 -57.05 36.32 -4.38
C PHE C 619 -58.48 36.57 -3.95
N PRO C 620 -59.33 35.54 -4.00
CA PRO C 620 -60.68 35.59 -3.39
C PRO C 620 -60.67 35.85 -1.86
N ALA C 621 -59.83 36.81 -1.44
CA ALA C 621 -59.80 37.37 -0.08
C ALA C 621 -59.96 38.90 -0.17
N ASP C 622 -59.34 39.63 0.74
CA ASP C 622 -59.38 41.10 0.73
C ASP C 622 -58.03 41.71 0.37
N GLU C 623 -57.15 40.84 -0.13
CA GLU C 623 -55.84 41.25 -0.57
C GLU C 623 -55.51 40.51 -1.85
N GLY C 626 -53.65 42.96 -4.01
CA GLY C 626 -55.07 43.16 -3.79
C GLY C 626 -55.84 42.87 -5.07
N PHE C 627 -55.89 43.86 -5.95
CA PHE C 627 -56.35 43.64 -7.32
C PHE C 627 -55.23 44.00 -8.29
N HIS C 628 -54.98 43.13 -9.26
CA HIS C 628 -54.10 43.45 -10.38
C HIS C 628 -54.94 43.67 -11.63
N GLN C 629 -54.39 44.32 -12.65
CA GLN C 629 -55.19 44.74 -13.82
C GLN C 629 -54.77 44.19 -15.19
N VAL C 630 -55.75 43.74 -15.97
CA VAL C 630 -55.49 43.26 -17.33
C VAL C 630 -56.47 43.88 -18.35
N PRO C 631 -55.94 44.43 -19.45
CA PRO C 631 -56.74 45.10 -20.49
C PRO C 631 -57.97 44.30 -20.93
N PHE C 632 -59.09 44.97 -21.18
CA PHE C 632 -60.33 44.28 -21.51
C PHE C 632 -60.57 44.27 -23.01
N ALA C 633 -61.71 44.81 -23.43
CA ALA C 633 -62.17 44.74 -24.79
C ALA C 633 -61.46 45.78 -25.66
N PRO C 634 -61.54 45.65 -27.01
CA PRO C 634 -62.17 44.58 -27.78
C PRO C 634 -61.18 43.44 -27.96
N ILE C 635 -61.28 42.73 -29.09
CA ILE C 635 -60.41 41.60 -29.44
C ILE C 635 -59.86 40.86 -28.20
N VAL C 636 -60.70 40.03 -27.62
CA VAL C 636 -60.31 39.23 -26.45
C VAL C 636 -60.16 37.77 -26.85
N PHE C 637 -59.77 36.93 -25.88
CA PHE C 637 -59.45 35.54 -26.21
C PHE C 637 -60.00 34.49 -25.25
N ILE C 638 -60.87 33.65 -25.79
CA ILE C 638 -61.38 32.49 -25.10
C ILE C 638 -60.90 31.27 -25.90
N GLU C 639 -60.97 30.08 -25.32
CA GLU C 639 -60.55 28.87 -26.02
C GLU C 639 -61.74 28.13 -26.62
N ARG C 640 -61.52 27.49 -27.76
CA ARG C 640 -62.61 26.84 -28.50
C ARG C 640 -63.20 25.67 -27.72
N THR C 641 -62.48 25.24 -26.67
CA THR C 641 -63.01 24.22 -25.76
C THR C 641 -64.11 24.80 -24.87
N ASP C 642 -64.33 26.10 -25.00
CA ASP C 642 -65.46 26.78 -24.37
C ASP C 642 -66.46 27.27 -25.42
N PHE C 643 -66.37 26.73 -26.63
CA PHE C 643 -67.33 27.05 -27.70
C PHE C 643 -67.52 25.93 -28.72
N LYS C 644 -68.71 25.34 -28.72
CA LYS C 644 -69.12 24.40 -29.76
C LYS C 644 -70.34 24.95 -30.49
N GLU C 645 -70.37 24.74 -31.81
CA GLU C 645 -71.46 25.25 -32.63
C GLU C 645 -72.77 24.56 -32.29
N GLU C 646 -72.73 23.24 -32.15
CA GLU C 646 -73.88 22.50 -31.64
C GLU C 646 -73.55 21.91 -30.26
N PRO C 647 -74.20 22.45 -29.23
CA PRO C 647 -73.98 22.03 -27.85
C PRO C 647 -74.88 20.88 -27.42
N GLU C 648 -74.33 19.97 -26.63
CA GLU C 648 -75.15 19.00 -25.93
C GLU C 648 -75.70 19.72 -24.70
N PRO C 649 -76.93 19.40 -24.24
CA PRO C 649 -77.54 20.05 -23.08
C PRO C 649 -76.60 20.25 -21.88
N GLY C 650 -75.60 19.38 -21.75
CA GLY C 650 -74.62 19.51 -20.69
C GLY C 650 -73.74 20.74 -20.86
N PHE C 651 -73.82 21.37 -22.04
CA PHE C 651 -73.06 22.58 -22.31
C PHE C 651 -73.48 23.68 -21.35
N LYS C 652 -72.57 24.60 -21.10
CA LYS C 652 -72.81 25.70 -20.18
C LYS C 652 -72.02 26.92 -20.61
N ARG C 653 -71.07 26.70 -21.52
CA ARG C 653 -70.20 27.78 -22.00
C ARG C 653 -70.93 28.63 -23.03
N LEU C 654 -70.29 28.85 -24.17
CA LEU C 654 -70.87 29.69 -25.21
C LEU C 654 -71.63 28.87 -26.25
N ALA C 655 -72.89 29.22 -26.41
CA ALA C 655 -73.74 28.65 -27.45
C ALA C 655 -74.60 29.75 -28.05
N TRP C 656 -75.15 29.50 -29.23
CA TRP C 656 -76.06 30.45 -29.84
C TRP C 656 -77.24 30.69 -28.91
N GLY C 657 -77.39 31.94 -28.48
CA GLY C 657 -78.50 32.30 -27.61
C GLY C 657 -78.23 31.91 -26.17
N GLN C 658 -77.09 31.27 -25.95
CA GLN C 658 -76.66 30.95 -24.60
C GLN C 658 -75.37 31.72 -24.29
N PRO C 659 -75.53 32.99 -23.90
CA PRO C 659 -74.40 33.85 -23.51
C PRO C 659 -73.70 33.33 -22.27
N VAL C 660 -72.40 33.64 -22.14
CA VAL C 660 -71.62 33.15 -21.02
C VAL C 660 -70.73 34.26 -20.47
N GLY C 661 -70.67 34.36 -19.15
CA GLY C 661 -69.99 35.46 -18.48
C GLY C 661 -68.48 35.49 -18.68
N LEU C 662 -67.90 36.67 -18.52
CA LEU C 662 -66.44 36.82 -18.54
C LEU C 662 -65.97 37.02 -17.12
N ARG C 663 -64.99 36.21 -16.70
CA ARG C 663 -64.53 36.20 -15.33
C ARG C 663 -64.08 37.58 -14.87
N HIS C 664 -64.53 37.96 -13.67
CA HIS C 664 -64.26 39.26 -13.07
C HIS C 664 -64.60 40.39 -14.03
N THR C 665 -65.85 40.43 -14.46
CA THR C 665 -66.30 41.49 -15.34
C THR C 665 -67.81 41.60 -15.24
N GLY C 666 -68.31 42.82 -15.23
CA GLY C 666 -69.74 43.04 -15.19
C GLY C 666 -70.39 42.83 -16.54
N TYR C 667 -69.68 42.18 -17.45
CA TYR C 667 -70.15 42.00 -18.83
C TYR C 667 -70.31 40.53 -19.24
N VAL C 668 -71.19 40.30 -20.21
CA VAL C 668 -71.41 38.98 -20.79
C VAL C 668 -71.63 39.13 -22.29
N ILE C 669 -71.10 38.20 -23.09
CA ILE C 669 -71.29 38.25 -24.55
C ILE C 669 -72.34 37.23 -25.02
N GLU C 670 -73.22 37.70 -25.91
CA GLU C 670 -74.44 36.97 -26.27
C GLU C 670 -74.25 35.93 -27.38
N LEU C 671 -73.21 36.16 -28.19
CA LEU C 671 -72.86 35.42 -29.42
C LEU C 671 -73.63 35.93 -30.65
N GLN C 672 -72.88 36.32 -31.67
CA GLN C 672 -73.45 36.75 -32.93
C GLN C 672 -72.93 35.89 -34.09
N HIS C 673 -72.73 36.52 -35.25
CA HIS C 673 -72.24 35.83 -36.44
C HIS C 673 -70.86 35.18 -36.21
N VAL C 674 -70.62 34.03 -36.84
CA VAL C 674 -69.32 33.33 -36.75
C VAL C 674 -68.70 33.09 -38.13
N VAL C 675 -67.36 33.12 -38.20
CA VAL C 675 -66.64 32.93 -39.46
C VAL C 675 -65.91 31.58 -39.48
N LYS C 676 -65.85 30.96 -40.67
CA LYS C 676 -65.21 29.65 -40.81
C LYS C 676 -63.95 29.69 -41.69
N GLY C 677 -63.85 30.68 -42.58
CA GLY C 677 -62.70 30.81 -43.45
C GLY C 677 -62.64 29.73 -44.53
N PRO C 678 -61.41 29.35 -44.96
CA PRO C 678 -61.17 28.30 -45.97
C PRO C 678 -62.05 27.03 -45.88
N SER C 679 -61.73 26.15 -44.94
CA SER C 679 -62.45 24.87 -44.80
C SER C 679 -63.57 24.98 -43.77
N GLY C 680 -63.69 23.98 -42.91
CA GLY C 680 -64.75 23.95 -41.91
C GLY C 680 -64.27 24.14 -40.49
N CYS C 681 -63.16 24.84 -40.31
CA CYS C 681 -62.67 25.18 -38.97
C CYS C 681 -63.35 26.44 -38.45
N VAL C 682 -63.81 26.38 -37.21
CA VAL C 682 -64.36 27.56 -36.53
C VAL C 682 -63.28 28.63 -36.40
N GLU C 683 -63.15 29.47 -37.43
CA GLU C 683 -62.02 30.37 -37.54
C GLU C 683 -62.02 31.55 -36.55
N SER C 684 -63.03 32.42 -36.65
CA SER C 684 -63.06 33.64 -35.83
C SER C 684 -64.48 34.15 -35.62
N LEU C 685 -64.93 34.17 -34.38
CA LEU C 685 -66.30 34.58 -34.07
C LEU C 685 -66.39 36.00 -33.51
N GLU C 686 -67.60 36.56 -33.51
CA GLU C 686 -67.81 37.92 -33.00
C GLU C 686 -69.17 38.10 -32.34
N VAL C 687 -69.30 39.18 -31.57
CA VAL C 687 -70.43 39.34 -30.66
C VAL C 687 -70.41 40.72 -30.02
N THR C 688 -71.58 41.24 -29.65
CA THR C 688 -71.65 42.40 -28.77
C THR C 688 -72.01 41.99 -27.34
N CYS C 689 -71.52 42.78 -26.36
CA CYS C 689 -71.68 42.46 -24.95
C CYS C 689 -72.84 43.22 -24.29
N ARG C 690 -73.67 42.49 -23.52
CA ARG C 690 -74.87 43.08 -22.94
C ARG C 690 -74.67 43.57 -21.51
N ARG C 691 -73.44 43.48 -21.03
CA ARG C 691 -73.08 43.98 -19.70
C ARG C 691 -74.00 43.41 -18.64
N ALA C 692 -74.07 42.08 -18.53
CA ALA C 692 -75.11 41.42 -17.76
C ALA C 692 -75.23 41.87 -16.31
N ASP C 693 -75.70 43.11 -16.13
CA ASP C 693 -76.20 43.56 -14.84
C ASP C 693 -77.67 43.13 -14.78
N ALA C 694 -78.13 42.55 -15.89
CA ALA C 694 -79.51 42.11 -16.05
C ALA C 694 -79.74 40.66 -15.61
N GLY C 695 -78.75 40.09 -14.92
CA GLY C 695 -78.88 38.76 -14.33
C GLY C 695 -79.02 37.60 -15.30
N GLU C 696 -77.89 36.95 -15.62
CA GLU C 696 -77.88 35.75 -16.45
C GLU C 696 -76.58 34.95 -16.31
N LYS C 697 -76.70 33.78 -15.70
CA LYS C 697 -75.58 32.85 -15.54
C LYS C 697 -75.11 32.32 -16.90
N PRO C 698 -74.04 31.50 -16.92
CA PRO C 698 -73.71 30.85 -18.20
C PRO C 698 -74.82 29.91 -18.67
N PHE C 701 -69.71 31.93 -17.01
CA PHE C 701 -68.77 32.83 -16.37
C PHE C 701 -67.33 32.36 -16.60
N ILE C 702 -66.87 32.35 -17.86
CA ILE C 702 -65.53 31.82 -18.18
C ILE C 702 -64.40 32.85 -18.14
N HIS C 703 -63.18 32.33 -18.23
CA HIS C 703 -61.96 33.13 -18.21
C HIS C 703 -61.58 33.64 -19.59
N TRP C 704 -60.52 34.44 -19.65
CA TRP C 704 -60.12 35.15 -20.87
C TRP C 704 -58.82 35.96 -20.71
N VAL C 705 -58.19 36.29 -21.84
CA VAL C 705 -57.10 37.25 -21.86
C VAL C 705 -57.29 38.22 -23.02
N SER C 706 -56.70 39.40 -22.89
CA SER C 706 -56.80 40.42 -23.92
C SER C 706 -55.56 41.30 -23.82
N GLN C 707 -55.02 41.71 -24.97
CA GLN C 707 -53.64 42.15 -25.04
C GLN C 707 -52.77 41.10 -24.35
N PRO C 708 -52.70 39.90 -24.95
CA PRO C 708 -52.09 38.71 -24.35
C PRO C 708 -50.57 38.77 -24.32
N LEU C 709 -49.90 37.62 -24.32
CA LEU C 709 -48.44 37.60 -24.16
C LEU C 709 -47.72 36.31 -24.60
N MET C 710 -47.55 35.41 -23.63
CA MET C 710 -46.42 34.47 -23.60
C MET C 710 -46.32 33.39 -24.68
N CYS C 711 -45.48 32.40 -24.38
CA CYS C 711 -45.12 31.33 -25.31
C CYS C 711 -45.54 29.93 -24.81
N GLU C 712 -44.86 29.43 -23.78
CA GLU C 712 -44.84 27.99 -23.51
C GLU C 712 -45.47 27.52 -22.20
N VAL C 713 -46.27 26.46 -22.30
CA VAL C 713 -46.85 25.78 -21.13
C VAL C 713 -46.64 24.27 -21.25
N ARG C 714 -46.03 23.66 -20.24
CA ARG C 714 -45.67 22.24 -20.33
C ARG C 714 -46.49 21.39 -19.36
N LEU C 715 -47.20 20.41 -19.91
CA LEU C 715 -48.11 19.58 -19.11
C LEU C 715 -47.51 18.21 -18.79
N TYR C 716 -47.72 17.75 -17.56
CA TYR C 716 -47.05 16.56 -17.08
C TYR C 716 -47.98 15.61 -16.35
N GLU C 717 -47.89 14.33 -16.70
CA GLU C 717 -48.66 13.29 -16.00
C GLU C 717 -47.73 12.40 -15.20
N ARG C 718 -48.32 11.54 -14.36
CA ARG C 718 -47.57 10.49 -13.68
C ARG C 718 -46.92 9.62 -14.75
N LEU C 719 -45.59 9.68 -14.83
CA LEU C 719 -44.81 9.11 -15.92
C LEU C 719 -45.13 7.63 -16.19
N PHE C 720 -45.34 6.87 -15.13
CA PHE C 720 -45.73 5.46 -15.25
C PHE C 720 -47.20 5.34 -14.96
N GLN C 721 -47.93 4.66 -15.85
CA GLN C 721 -49.38 4.53 -15.72
C GLN C 721 -49.81 3.73 -14.50
N HIS C 722 -48.89 2.95 -13.95
CA HIS C 722 -49.08 2.43 -12.61
C HIS C 722 -47.81 2.61 -11.79
N GLU C 726 -47.01 0.12 -10.49
CA GLU C 726 -46.52 0.94 -9.40
C GLU C 726 -45.07 0.60 -9.12
N ASP C 727 -44.23 1.63 -9.04
CA ASP C 727 -42.76 1.51 -9.03
C ASP C 727 -42.25 0.32 -9.86
N PRO C 728 -42.09 0.53 -11.18
CA PRO C 728 -41.71 -0.49 -12.16
C PRO C 728 -40.59 -1.42 -11.70
N THR C 729 -40.97 -2.54 -11.10
CA THR C 729 -40.00 -3.50 -10.53
C THR C 729 -40.67 -4.81 -10.12
N GLU C 730 -41.80 -4.73 -9.43
CA GLU C 730 -42.51 -5.90 -8.93
C GLU C 730 -42.89 -6.84 -10.06
N VAL C 731 -41.89 -7.58 -10.51
CA VAL C 731 -41.98 -8.58 -11.58
C VAL C 731 -42.91 -8.31 -12.78
N PRO C 732 -42.76 -7.15 -13.46
CA PRO C 732 -43.43 -7.10 -14.76
C PRO C 732 -42.45 -7.31 -15.93
N GLY C 733 -41.16 -7.21 -15.64
CA GLY C 733 -40.13 -7.37 -16.66
C GLY C 733 -40.20 -6.37 -17.80
N GLY C 734 -39.64 -5.18 -17.60
CA GLY C 734 -38.99 -4.82 -16.35
C GLY C 734 -39.39 -3.45 -15.83
N PHE C 735 -38.54 -2.46 -16.08
CA PHE C 735 -38.78 -1.10 -15.57
C PHE C 735 -38.95 -0.06 -16.66
N LEU C 736 -38.43 -0.35 -17.85
CA LEU C 736 -38.48 0.60 -18.96
C LEU C 736 -39.65 0.30 -19.89
N SER C 737 -40.85 0.16 -19.34
CA SER C 737 -42.02 -0.10 -20.17
C SER C 737 -43.32 0.36 -19.54
N ASP C 738 -43.20 1.18 -18.50
CA ASP C 738 -44.38 1.82 -17.89
C ASP C 738 -44.49 3.26 -18.38
N LEU C 739 -43.54 3.65 -19.23
CA LEU C 739 -43.52 4.98 -19.82
C LEU C 739 -44.60 5.15 -20.88
N ASN C 740 -45.85 4.99 -20.49
CA ASN C 740 -46.92 4.98 -21.46
C ASN C 740 -47.23 6.38 -21.98
N LEU C 741 -48.45 6.84 -21.70
CA LEU C 741 -49.06 8.02 -22.33
C LEU C 741 -48.14 9.23 -22.54
N ALA C 742 -47.07 9.03 -23.31
CA ALA C 742 -46.12 10.09 -23.65
C ALA C 742 -45.66 10.82 -22.39
N SER C 743 -46.46 11.80 -21.99
CA SER C 743 -46.26 12.55 -20.75
C SER C 743 -44.89 13.23 -20.60
N LEU C 744 -44.64 14.42 -21.19
CA LEU C 744 -45.37 15.14 -22.26
C LEU C 744 -46.78 15.65 -21.93
N HIS C 745 -47.28 16.64 -22.68
CA HIS C 745 -46.53 17.37 -23.69
C HIS C 745 -46.71 18.87 -23.53
N VAL C 746 -46.20 19.60 -24.51
CA VAL C 746 -46.06 21.06 -24.41
C VAL C 746 -46.98 21.81 -25.35
N VAL C 747 -47.29 23.06 -25.02
CA VAL C 747 -48.02 23.95 -25.92
C VAL C 747 -47.31 25.30 -26.03
N ASP C 748 -46.70 25.55 -27.18
CA ASP C 748 -45.97 26.80 -27.39
C ASP C 748 -46.84 27.83 -28.11
N ALA C 749 -48.15 27.62 -28.08
CA ALA C 749 -49.10 28.64 -28.49
C ALA C 749 -49.34 29.56 -27.30
N ALA C 750 -50.39 29.26 -26.54
CA ALA C 750 -50.60 29.79 -25.19
C ALA C 750 -50.62 31.30 -25.08
N LEU C 751 -51.77 31.85 -24.74
CA LEU C 751 -51.87 33.29 -24.58
C LEU C 751 -52.20 33.64 -23.13
N VAL C 752 -51.23 34.23 -22.42
CA VAL C 752 -51.43 34.71 -21.05
C VAL C 752 -51.44 36.25 -21.01
N ASP C 753 -51.91 36.80 -19.89
CA ASP C 753 -52.14 38.25 -19.80
C ASP C 753 -51.02 39.02 -19.08
N CYS C 754 -51.35 40.17 -18.51
CA CYS C 754 -50.36 41.10 -17.94
C CYS C 754 -50.25 40.92 -16.42
N SER C 755 -50.83 39.83 -15.93
CA SER C 755 -50.76 39.47 -14.52
C SER C 755 -49.39 38.94 -14.19
N VAL C 756 -48.62 38.65 -15.24
CA VAL C 756 -47.35 37.97 -15.12
C VAL C 756 -46.26 38.66 -15.93
N ALA C 757 -45.16 39.16 -15.35
CA ALA C 757 -44.83 39.32 -13.91
C ALA C 757 -43.47 40.06 -13.79
N LEU C 758 -42.37 39.57 -14.41
CA LEU C 758 -42.28 38.37 -15.26
C LEU C 758 -41.22 37.38 -14.79
N ALA C 759 -41.01 37.31 -13.49
CA ALA C 759 -39.93 36.48 -12.93
C ALA C 759 -40.33 35.01 -12.82
N PRO C 761 -37.48 33.12 -11.74
CA PRO C 761 -38.41 32.30 -12.53
C PRO C 761 -38.94 31.08 -11.76
N PHE C 762 -39.26 31.26 -10.48
CA PHE C 762 -39.83 30.16 -9.71
C PHE C 762 -41.12 30.57 -9.00
N ASP C 763 -41.73 31.66 -9.45
CA ASP C 763 -43.00 32.12 -8.89
C ASP C 763 -44.11 31.12 -9.23
N LYS C 764 -45.15 31.11 -8.41
CA LYS C 764 -46.29 30.22 -8.63
C LYS C 764 -47.57 31.01 -8.89
N PHE C 765 -48.52 30.39 -9.56
CA PHE C 765 -49.79 31.02 -9.91
C PHE C 765 -50.95 30.04 -9.83
N GLN C 766 -52.18 30.57 -9.83
CA GLN C 766 -53.32 29.79 -10.27
C GLN C 766 -53.77 30.34 -11.60
N PHE C 767 -53.95 29.46 -12.58
CA PHE C 767 -54.57 29.90 -13.81
C PHE C 767 -56.05 29.56 -13.68
N GLU C 768 -56.85 30.59 -13.43
CA GLU C 768 -58.25 30.44 -13.07
C GLU C 768 -58.99 29.50 -14.00
N ARG C 769 -59.61 28.49 -13.39
CA ARG C 769 -60.38 27.50 -14.12
C ARG C 769 -59.47 26.62 -15.01
N LEU C 770 -58.23 26.40 -14.56
CA LEU C 770 -57.29 25.51 -15.26
C LEU C 770 -56.49 24.66 -14.29
N GLY C 771 -55.28 25.11 -13.92
CA GLY C 771 -54.50 24.42 -12.91
C GLY C 771 -53.66 25.39 -12.11
N TYR C 772 -52.82 24.86 -11.22
CA TYR C 772 -51.81 25.68 -10.57
C TYR C 772 -50.50 25.52 -11.33
N PHE C 773 -49.89 26.64 -11.68
CA PHE C 773 -48.75 26.66 -12.60
C PHE C 773 -47.56 27.39 -12.01
N SER C 774 -46.36 26.85 -12.19
CA SER C 774 -45.15 27.50 -11.68
C SER C 774 -44.20 27.83 -12.82
N VAL C 775 -43.37 28.85 -12.62
CA VAL C 775 -42.46 29.27 -13.66
C VAL C 775 -41.27 28.34 -13.72
N ASP C 776 -40.67 28.22 -14.90
CA ASP C 776 -39.58 27.27 -15.09
C ASP C 776 -38.30 27.98 -15.55
N PRO C 777 -37.14 27.50 -15.07
CA PRO C 777 -35.81 28.04 -15.39
C PRO C 777 -35.43 28.02 -16.86
N ASP C 778 -36.41 28.04 -17.77
CA ASP C 778 -36.12 28.31 -19.16
C ASP C 778 -36.68 29.69 -19.49
N SER C 779 -37.37 30.27 -18.51
CA SER C 779 -38.00 31.58 -18.67
C SER C 779 -36.98 32.70 -18.70
N HIS C 780 -37.33 33.75 -19.42
CA HIS C 780 -36.58 35.00 -19.37
C HIS C 780 -37.46 36.04 -18.73
N GLN C 781 -37.68 37.12 -19.47
CA GLN C 781 -38.70 38.08 -19.17
C GLN C 781 -39.50 38.30 -20.46
N GLY C 782 -38.99 37.74 -21.55
CA GLY C 782 -39.66 37.81 -22.84
C GLY C 782 -40.32 36.51 -23.27
N LYS C 783 -39.54 35.43 -23.25
CA LYS C 783 -40.01 34.12 -23.70
C LYS C 783 -40.25 33.18 -22.51
N LEU C 784 -41.19 33.54 -21.65
CA LEU C 784 -41.41 32.85 -20.38
C LEU C 784 -42.11 31.49 -20.54
N VAL C 785 -41.91 30.59 -19.56
CA VAL C 785 -42.40 29.22 -19.66
C VAL C 785 -42.88 28.61 -18.33
N PHE C 786 -44.07 28.00 -18.36
CA PHE C 786 -44.73 27.51 -17.15
C PHE C 786 -44.89 25.99 -17.09
N ASN C 787 -44.59 25.43 -15.93
CA ASN C 787 -44.94 24.03 -15.63
C ASN C 787 -46.34 23.98 -15.02
N ARG C 788 -47.12 22.95 -15.35
CA ARG C 788 -48.38 22.74 -14.63
C ARG C 788 -48.08 21.80 -13.45
N THR C 789 -48.22 22.35 -12.24
CA THR C 789 -47.75 21.68 -11.04
C THR C 789 -48.74 20.64 -10.56
N VAL C 790 -49.83 21.12 -9.97
CA VAL C 790 -50.90 20.26 -9.48
C VAL C 790 -52.13 20.40 -10.37
N THR C 791 -52.98 19.39 -10.38
CA THR C 791 -54.27 19.48 -11.03
C THR C 791 -55.23 20.19 -10.08
N LEU C 792 -55.96 21.17 -10.61
CA LEU C 792 -56.82 22.03 -9.79
C LEU C 792 -57.87 21.24 -9.00
N LYS C 793 -57.47 20.69 -7.86
CA LYS C 793 -58.39 20.06 -6.90
C LYS C 793 -59.18 18.85 -7.43
N GLU C 794 -58.97 18.48 -8.68
CA GLU C 794 -59.67 17.34 -9.27
C GLU C 794 -59.22 16.03 -8.63
N ASP C 795 -60.17 15.12 -8.44
CA ASP C 795 -59.91 13.81 -7.82
C ASP C 795 -59.24 13.95 -6.47
#